data_1CZQ
# 
_entry.id   1CZQ 
# 
_audit_conform.dict_name       mmcif_pdbx.dic 
_audit_conform.dict_version    5.398 
_audit_conform.dict_location   http://mmcif.pdb.org/dictionaries/ascii/mmcif_pdbx.dic 
# 
loop_
_database_2.database_id 
_database_2.database_code 
_database_2.pdbx_database_accession 
_database_2.pdbx_DOI 
PDB   1CZQ         pdb_00001czq 10.2210/pdb1czq/pdb 
RCSB  RCSB009653   ?            ?                   
WWPDB D_1000009653 ?            ?                   
# 
loop_
_pdbx_audit_revision_history.ordinal 
_pdbx_audit_revision_history.data_content_type 
_pdbx_audit_revision_history.major_revision 
_pdbx_audit_revision_history.minor_revision 
_pdbx_audit_revision_history.revision_date 
1 'Structure model' 1 0 1999-10-13 
2 'Structure model' 1 1 2008-04-27 
3 'Structure model' 1 2 2011-07-13 
4 'Structure model' 1 3 2024-11-13 
# 
_pdbx_audit_revision_details.ordinal             1 
_pdbx_audit_revision_details.revision_ordinal    1 
_pdbx_audit_revision_details.data_content_type   'Structure model' 
_pdbx_audit_revision_details.provider            repository 
_pdbx_audit_revision_details.type                'Initial release' 
_pdbx_audit_revision_details.description         ? 
_pdbx_audit_revision_details.details             ? 
# 
loop_
_pdbx_audit_revision_group.ordinal 
_pdbx_audit_revision_group.revision_ordinal 
_pdbx_audit_revision_group.data_content_type 
_pdbx_audit_revision_group.group 
1  2 'Structure model' 'Version format compliance' 
2  3 'Structure model' 'Atomic model'              
3  3 'Structure model' 'Database references'       
4  3 'Structure model' 'Derived calculations'      
5  3 'Structure model' 'Non-polymer description'   
6  3 'Structure model' 'Structure summary'         
7  3 'Structure model' 'Version format compliance' 
8  4 'Structure model' 'Data collection'           
9  4 'Structure model' 'Database references'       
10 4 'Structure model' 'Derived calculations'      
11 4 'Structure model' 'Structure summary'         
# 
loop_
_pdbx_audit_revision_category.ordinal 
_pdbx_audit_revision_category.revision_ordinal 
_pdbx_audit_revision_category.data_content_type 
_pdbx_audit_revision_category.category 
1 4 'Structure model' chem_comp_atom            
2 4 'Structure model' chem_comp_bond            
3 4 'Structure model' database_2                
4 4 'Structure model' pdbx_entry_details        
5 4 'Structure model' pdbx_modification_feature 
6 4 'Structure model' struct_conn               
7 4 'Structure model' struct_site               
# 
loop_
_pdbx_audit_revision_item.ordinal 
_pdbx_audit_revision_item.revision_ordinal 
_pdbx_audit_revision_item.data_content_type 
_pdbx_audit_revision_item.item 
1 4 'Structure model' '_database_2.pdbx_DOI'                
2 4 'Structure model' '_database_2.pdbx_database_accession' 
3 4 'Structure model' '_struct_conn.pdbx_leaving_atom_flag' 
4 4 'Structure model' '_struct_site.pdbx_auth_asym_id'      
5 4 'Structure model' '_struct_site.pdbx_auth_comp_id'      
6 4 'Structure model' '_struct_site.pdbx_auth_seq_id'       
# 
_pdbx_database_status.status_code                     REL 
_pdbx_database_status.entry_id                        1CZQ 
_pdbx_database_status.recvd_initial_deposition_date   1999-09-06 
_pdbx_database_status.deposit_site                    RCSB 
_pdbx_database_status.process_site                    RCSB 
_pdbx_database_status.SG_entry                        . 
_pdbx_database_status.status_code_sf                  ? 
_pdbx_database_status.status_code_mr                  ? 
_pdbx_database_status.status_code_cs                  ? 
_pdbx_database_status.pdb_format_compatible           Y 
_pdbx_database_status.status_code_nmr_data            ? 
_pdbx_database_status.methods_development_category    ? 
# 
loop_
_audit_author.name 
_audit_author.pdbx_ordinal 
'Eckert, D.M.'       1 
'Malashkevich, V.N.' 2 
'Hong, L.H.'         3 
'Carr, P.A.'         4 
'Kim, P.S.'          5 
# 
loop_
_citation.id 
_citation.title 
_citation.journal_abbrev 
_citation.journal_volume 
_citation.page_first 
_citation.page_last 
_citation.year 
_citation.journal_id_ASTM 
_citation.country 
_citation.journal_id_ISSN 
_citation.journal_id_CSD 
_citation.book_publisher 
_citation.pdbx_database_id_PubMed 
_citation.pdbx_database_id_DOI 
primary 'Inhibiting HIV-1 entry: discovery of D-peptide inhibitors that target the gp41 coiled-coil pocket.' 
'Cell(Cambridge,Mass.)' 99  103   115   1999 CELLB5 US 0092-8674 0998 ? 10520998 '10.1016/S0092-8674(00)80066-5' 
1       'Crystal structure of GCN4-pIQI, a trimeric coiled-coil with buried polar residues.'                 J.Mol.Biol. 284 859   
865   1998 JMOBAK UK 0022-2836 0070 ? ?        ?                               
2       'Core structure of gp41 from the HIV envelope glycoprotein'                                          
'Cell(Cambridge,Mass.)' 89  15613 15617 1997 CELLB5 US 0092-8674 0998 ? ?        ?                               
# 
loop_
_citation_author.citation_id 
_citation_author.name 
_citation_author.ordinal 
_citation_author.identifier_ORCID 
primary 'Eckert, D.M.'       1 ? 
primary 'Malashkevich, V.N.' 2 ? 
primary 'Hong, L.H.'         3 ? 
primary 'Carr, P.A.'         4 ? 
primary 'Kim, P.S.'          5 ? 
# 
loop_
_entity.id 
_entity.type 
_entity.src_method 
_entity.pdbx_description 
_entity.formula_weight 
_entity.pdbx_number_of_molecules 
_entity.pdbx_ec 
_entity.pdbx_mutation 
_entity.pdbx_fragment 
_entity.details 
1 polymer     man 'FUSION PROTEIN BETWEEN THE HYDROPHOBIC POCKET OF HIV GP41 AND GCN4-PIQI' 5468.566 1   ? ? 'HYDROPHOBIC POCKET' 
? 
2 polymer     syn 'D-PEPTIDE INHIBITOR'                                                     1859.119 1   ? ? ?                    
? 
3 non-polymer syn 'CHLORIDE ION'                                                            35.453   1   ? ? ?                    
? 
4 water       nat water                                                                     18.015   150 ? ? ?                    
? 
# 
loop_
_entity_name_com.entity_id 
_entity_name_com.name 
1 IQN17  
2 D10-P1 
# 
loop_
_entity_poly.entity_id 
_entity_poly.type 
_entity_poly.nstd_linkage 
_entity_poly.nstd_monomer 
_entity_poly.pdbx_seq_one_letter_code 
_entity_poly.pdbx_seq_one_letter_code_can 
_entity_poly.pdbx_strand_id 
_entity_poly.pdbx_target_identifier 
1 'polypeptide(L)' no yes '(ACE)RMKQIEDKIEEIESKQKKIENEIARIKKLLQLTVWGIKQLQARIL'                                 
XRMKQIEDKIEEIESKQKKIENEIARIKKLLQLTVWGIKQLQARIL A ? 
2 'polypeptide(L)' no yes 
;(ACE)G(DAL)(DCY)(DGL)(DAL)(DAR)(DHI)(DAR)(DGL)(DTR)(DAL)(DTR)(DLE)(DCY)(DAL)
(DAL)
;
XGACEARHREWAWLCAA                              D ? 
# 
loop_
_pdbx_entity_nonpoly.entity_id 
_pdbx_entity_nonpoly.name 
_pdbx_entity_nonpoly.comp_id 
3 'CHLORIDE ION' CL  
4 water          HOH 
# 
loop_
_entity_poly_seq.entity_id 
_entity_poly_seq.num 
_entity_poly_seq.mon_id 
_entity_poly_seq.hetero 
1 1  ACE n 
1 2  ARG n 
1 3  MET n 
1 4  LYS n 
1 5  GLN n 
1 6  ILE n 
1 7  GLU n 
1 8  ASP n 
1 9  LYS n 
1 10 ILE n 
1 11 GLU n 
1 12 GLU n 
1 13 ILE n 
1 14 GLU n 
1 15 SER n 
1 16 LYS n 
1 17 GLN n 
1 18 LYS n 
1 19 LYS n 
1 20 ILE n 
1 21 GLU n 
1 22 ASN n 
1 23 GLU n 
1 24 ILE n 
1 25 ALA n 
1 26 ARG n 
1 27 ILE n 
1 28 LYS n 
1 29 LYS n 
1 30 LEU n 
1 31 LEU n 
1 32 GLN n 
1 33 LEU n 
1 34 THR n 
1 35 VAL n 
1 36 TRP n 
1 37 GLY n 
1 38 ILE n 
1 39 LYS n 
1 40 GLN n 
1 41 LEU n 
1 42 GLN n 
1 43 ALA n 
1 44 ARG n 
1 45 ILE n 
1 46 LEU n 
2 1  ACE n 
2 2  GLY n 
2 3  DAL n 
2 4  DCY n 
2 5  DGL n 
2 6  DAL n 
2 7  DAR n 
2 8  DHI n 
2 9  DAR n 
2 10 DGL n 
2 11 DTR n 
2 12 DAL n 
2 13 DTR n 
2 14 DLE n 
2 15 DCY n 
2 16 DAL n 
2 17 DAL n 
# 
_entity_src_gen.entity_id                          1 
_entity_src_gen.pdbx_src_id                        1 
_entity_src_gen.pdbx_alt_source_flag               sample 
_entity_src_gen.pdbx_seq_type                      ? 
_entity_src_gen.pdbx_beg_seq_num                   ? 
_entity_src_gen.pdbx_end_seq_num                   ? 
_entity_src_gen.gene_src_common_name               
;baker's yeast,
;
_entity_src_gen.gene_src_genus                     'Saccharomyces, Lentivirus' 
_entity_src_gen.pdbx_gene_src_gene                 ? 
_entity_src_gen.gene_src_species                   , 
_entity_src_gen.gene_src_strain                    , 
_entity_src_gen.gene_src_tissue                    ? 
_entity_src_gen.gene_src_tissue_fraction           ? 
_entity_src_gen.gene_src_details                   ? 
_entity_src_gen.pdbx_gene_src_fragment             ? 
_entity_src_gen.pdbx_gene_src_scientific_name      'Saccharomyces cerevisiae, Human immunodeficiency virus' 
_entity_src_gen.pdbx_gene_src_ncbi_taxonomy_id     4932,12721 
_entity_src_gen.pdbx_gene_src_variant              ? 
_entity_src_gen.pdbx_gene_src_cell_line            ? 
_entity_src_gen.pdbx_gene_src_atcc                 ? 
_entity_src_gen.pdbx_gene_src_organ                ? 
_entity_src_gen.pdbx_gene_src_organelle            ? 
_entity_src_gen.pdbx_gene_src_cell                 ? 
_entity_src_gen.pdbx_gene_src_cellular_location    ? 
_entity_src_gen.host_org_common_name               ? 
_entity_src_gen.pdbx_host_org_scientific_name      ? 
_entity_src_gen.pdbx_host_org_ncbi_taxonomy_id     ? 
_entity_src_gen.host_org_genus                     ? 
_entity_src_gen.pdbx_host_org_gene                 ? 
_entity_src_gen.pdbx_host_org_organ                ? 
_entity_src_gen.host_org_species                   ? 
_entity_src_gen.pdbx_host_org_tissue               ? 
_entity_src_gen.pdbx_host_org_tissue_fraction      ? 
_entity_src_gen.pdbx_host_org_strain               ? 
_entity_src_gen.pdbx_host_org_variant              ? 
_entity_src_gen.pdbx_host_org_cell_line            ? 
_entity_src_gen.pdbx_host_org_atcc                 ? 
_entity_src_gen.pdbx_host_org_culture_collection   ? 
_entity_src_gen.pdbx_host_org_cell                 ? 
_entity_src_gen.pdbx_host_org_organelle            ? 
_entity_src_gen.pdbx_host_org_cellular_location    ? 
_entity_src_gen.pdbx_host_org_vector_type          ? 
_entity_src_gen.pdbx_host_org_vector               ? 
_entity_src_gen.host_org_details                   ? 
_entity_src_gen.expression_system_id               ? 
_entity_src_gen.plasmid_name                       ? 
_entity_src_gen.plasmid_details                    ? 
_entity_src_gen.pdbx_description                   ? 
# 
_pdbx_entity_src_syn.entity_id              2 
_pdbx_entity_src_syn.pdbx_src_id            1 
_pdbx_entity_src_syn.pdbx_alt_source_flag   sample 
_pdbx_entity_src_syn.pdbx_beg_seq_num       ? 
_pdbx_entity_src_syn.pdbx_end_seq_num       ? 
_pdbx_entity_src_syn.organism_scientific    ? 
_pdbx_entity_src_syn.organism_common_name   ? 
_pdbx_entity_src_syn.ncbi_taxonomy_id       ? 
_pdbx_entity_src_syn.details                'THIS PEPTIDE WAS CHEMICALLY SYNTHESIZED' 
# 
loop_
_chem_comp.id 
_chem_comp.type 
_chem_comp.mon_nstd_flag 
_chem_comp.name 
_chem_comp.pdbx_synonyms 
_chem_comp.formula 
_chem_comp.formula_weight 
ACE non-polymer         . 'ACETYL GROUP'    ? 'C2 H4 O'        44.053  
ALA 'L-peptide linking' y ALANINE           ? 'C3 H7 N O2'     89.093  
ARG 'L-peptide linking' y ARGININE          ? 'C6 H15 N4 O2 1' 175.209 
ASN 'L-peptide linking' y ASPARAGINE        ? 'C4 H8 N2 O3'    132.118 
ASP 'L-peptide linking' y 'ASPARTIC ACID'   ? 'C4 H7 N O4'     133.103 
CL  non-polymer         . 'CHLORIDE ION'    ? 'Cl -1'          35.453  
DAL 'D-peptide linking' . D-ALANINE         ? 'C3 H7 N O2'     89.093  
DAR 'D-peptide linking' . D-ARGININE        ? 'C6 H15 N4 O2 1' 175.209 
DCY 'D-peptide linking' . D-CYSTEINE        ? 'C3 H7 N O2 S'   121.158 
DGL 'D-peptide linking' . 'D-GLUTAMIC ACID' ? 'C5 H9 N O4'     147.129 
DHI 'D-peptide linking' . D-HISTIDINE       ? 'C6 H10 N3 O2 1' 156.162 
DLE 'D-peptide linking' . D-LEUCINE         ? 'C6 H13 N O2'    131.173 
DTR 'D-peptide linking' . D-TRYPTOPHAN      ? 'C11 H12 N2 O2'  204.225 
GLN 'L-peptide linking' y GLUTAMINE         ? 'C5 H10 N2 O3'   146.144 
GLU 'L-peptide linking' y 'GLUTAMIC ACID'   ? 'C5 H9 N O4'     147.129 
GLY 'peptide linking'   y GLYCINE           ? 'C2 H5 N O2'     75.067  
HOH non-polymer         . WATER             ? 'H2 O'           18.015  
ILE 'L-peptide linking' y ISOLEUCINE        ? 'C6 H13 N O2'    131.173 
LEU 'L-peptide linking' y LEUCINE           ? 'C6 H13 N O2'    131.173 
LYS 'L-peptide linking' y LYSINE            ? 'C6 H15 N2 O2 1' 147.195 
MET 'L-peptide linking' y METHIONINE        ? 'C5 H11 N O2 S'  149.211 
SER 'L-peptide linking' y SERINE            ? 'C3 H7 N O3'     105.093 
THR 'L-peptide linking' y THREONINE         ? 'C4 H9 N O3'     119.119 
TRP 'L-peptide linking' y TRYPTOPHAN        ? 'C11 H12 N2 O2'  204.225 
VAL 'L-peptide linking' y VALINE            ? 'C5 H11 N O2'    117.146 
# 
loop_
_pdbx_poly_seq_scheme.asym_id 
_pdbx_poly_seq_scheme.entity_id 
_pdbx_poly_seq_scheme.seq_id 
_pdbx_poly_seq_scheme.mon_id 
_pdbx_poly_seq_scheme.ndb_seq_num 
_pdbx_poly_seq_scheme.pdb_seq_num 
_pdbx_poly_seq_scheme.auth_seq_num 
_pdbx_poly_seq_scheme.pdb_mon_id 
_pdbx_poly_seq_scheme.auth_mon_id 
_pdbx_poly_seq_scheme.pdb_strand_id 
_pdbx_poly_seq_scheme.pdb_ins_code 
_pdbx_poly_seq_scheme.hetero 
A 1 1  ACE 1  0  0  ACE ACE A . n 
A 1 2  ARG 2  1  1  ARG ARG A . n 
A 1 3  MET 3  2  2  MET MET A . n 
A 1 4  LYS 4  3  3  LYS LYS A . n 
A 1 5  GLN 5  4  4  GLN GLN A . n 
A 1 6  ILE 6  5  5  ILE ILE A . n 
A 1 7  GLU 7  6  6  GLU GLU A . n 
A 1 8  ASP 8  7  7  ASP ASP A . n 
A 1 9  LYS 9  8  8  LYS LYS A . n 
A 1 10 ILE 10 9  9  ILE ILE A . n 
A 1 11 GLU 11 10 10 GLU GLU A . n 
A 1 12 GLU 12 11 11 GLU GLU A . n 
A 1 13 ILE 13 12 12 ILE ILE A . n 
A 1 14 GLU 14 13 13 GLU GLU A . n 
A 1 15 SER 15 14 14 SER SER A . n 
A 1 16 LYS 16 15 15 LYS LYS A . n 
A 1 17 GLN 17 16 16 GLN GLN A . n 
A 1 18 LYS 18 17 17 LYS LYS A . n 
A 1 19 LYS 19 18 18 LYS LYS A . n 
A 1 20 ILE 20 19 19 ILE ILE A . n 
A 1 21 GLU 21 20 20 GLU GLU A . n 
A 1 22 ASN 22 21 21 ASN ASN A . n 
A 1 23 GLU 23 22 22 GLU GLU A . n 
A 1 24 ILE 24 23 23 ILE ILE A . n 
A 1 25 ALA 25 24 24 ALA ALA A . n 
A 1 26 ARG 26 25 25 ARG ARG A . n 
A 1 27 ILE 27 26 26 ILE ILE A . n 
A 1 28 LYS 28 27 27 LYS LYS A . n 
A 1 29 LYS 29 28 28 LYS LYS A . n 
A 1 30 LEU 30 29 29 LEU LEU A . n 
A 1 31 LEU 31 30 30 LEU LEU A . n 
A 1 32 GLN 32 31 31 GLN GLN A . n 
A 1 33 LEU 33 32 32 LEU LEU A . n 
A 1 34 THR 34 33 33 THR THR A . n 
A 1 35 VAL 35 34 34 VAL VAL A . n 
A 1 36 TRP 36 35 35 TRP TRP A . n 
A 1 37 GLY 37 36 36 GLY GLY A . n 
A 1 38 ILE 38 37 37 ILE ILE A . n 
A 1 39 LYS 39 38 38 LYS LYS A . n 
A 1 40 GLN 40 39 39 GLN GLN A . n 
A 1 41 LEU 41 40 40 LEU LEU A . n 
A 1 42 GLN 42 41 41 GLN GLN A . n 
A 1 43 ALA 43 42 42 ALA ALA A . n 
A 1 44 ARG 44 43 43 ARG ARG A . n 
A 1 45 ILE 45 44 44 ILE ILE A . n 
A 1 46 LEU 46 45 45 LEU LEU A . n 
B 2 1  ACE 1  0  0  ACE ACE D . n 
B 2 2  GLY 2  1  1  GLY DLY D . n 
B 2 3  DAL 3  2  2  DAL DAL D . n 
B 2 4  DCY 4  3  3  DCY DCY D . n 
B 2 5  DGL 5  4  4  DGL DGL D . n 
B 2 6  DAL 6  5  5  DAL DAL D . n 
B 2 7  DAR 7  6  6  DAR DAR D . n 
B 2 8  DHI 8  7  7  DHI DHI D . n 
B 2 9  DAR 9  8  8  DAR DAR D . n 
B 2 10 DGL 10 9  9  DGL DGL D . n 
B 2 11 DTR 11 10 10 DTR DTR D . n 
B 2 12 DAL 12 11 11 DAL DAL D . n 
B 2 13 DTR 13 12 12 DTR DTR D . n 
B 2 14 DLE 14 13 13 DLE DEU D . n 
B 2 15 DCY 15 14 14 DCY DCY D . n 
B 2 16 DAL 16 15 15 DAL DAL D . n 
B 2 17 DAL 17 16 16 DAL DAL D . n 
# 
loop_
_pdbx_nonpoly_scheme.asym_id 
_pdbx_nonpoly_scheme.entity_id 
_pdbx_nonpoly_scheme.mon_id 
_pdbx_nonpoly_scheme.ndb_seq_num 
_pdbx_nonpoly_scheme.pdb_seq_num 
_pdbx_nonpoly_scheme.auth_seq_num 
_pdbx_nonpoly_scheme.pdb_mon_id 
_pdbx_nonpoly_scheme.auth_mon_id 
_pdbx_nonpoly_scheme.pdb_strand_id 
_pdbx_nonpoly_scheme.pdb_ins_code 
C 3 CL  1   1001 1   CL  CL  A . 
D 4 HOH 1   1002 1   HOH WAT A . 
D 4 HOH 2   1003 2   HOH WAT A . 
D 4 HOH 3   1004 3   HOH WAT A . 
D 4 HOH 4   1005 4   HOH WAT A . 
D 4 HOH 5   1006 5   HOH WAT A . 
D 4 HOH 6   1007 6   HOH WAT A . 
D 4 HOH 7   1008 7   HOH WAT A . 
D 4 HOH 8   1009 8   HOH WAT A . 
D 4 HOH 9   1010 9   HOH WAT A . 
D 4 HOH 10  1011 10  HOH WAT A . 
D 4 HOH 11  1012 11  HOH WAT A . 
D 4 HOH 12  1013 12  HOH WAT A . 
D 4 HOH 13  1014 13  HOH WAT A . 
D 4 HOH 14  1015 14  HOH WAT A . 
D 4 HOH 15  1016 15  HOH WAT A . 
D 4 HOH 16  1017 16  HOH WAT A . 
D 4 HOH 17  1018 17  HOH WAT A . 
D 4 HOH 18  1019 18  HOH WAT A . 
D 4 HOH 19  1020 19  HOH WAT A . 
D 4 HOH 20  1021 20  HOH WAT A . 
D 4 HOH 21  1022 21  HOH WAT A . 
D 4 HOH 22  1023 22  HOH WAT A . 
D 4 HOH 23  1024 23  HOH WAT A . 
D 4 HOH 24  1025 24  HOH WAT A . 
D 4 HOH 25  1026 25  HOH WAT A . 
D 4 HOH 26  1027 26  HOH WAT A . 
D 4 HOH 27  1028 28  HOH WAT A . 
D 4 HOH 28  1029 29  HOH WAT A . 
D 4 HOH 29  1030 30  HOH WAT A . 
D 4 HOH 30  1031 31  HOH WAT A . 
D 4 HOH 31  1032 32  HOH WAT A . 
D 4 HOH 32  1033 33  HOH WAT A . 
D 4 HOH 33  1034 34  HOH WAT A . 
D 4 HOH 34  1035 35  HOH WAT A . 
D 4 HOH 35  1036 36  HOH WAT A . 
D 4 HOH 36  1037 37  HOH WAT A . 
D 4 HOH 37  1038 38  HOH WAT A . 
D 4 HOH 38  1039 39  HOH WAT A . 
D 4 HOH 39  1040 40  HOH WAT A . 
D 4 HOH 40  1041 41  HOH WAT A . 
D 4 HOH 41  1042 42  HOH WAT A . 
D 4 HOH 42  1043 43  HOH WAT A . 
D 4 HOH 43  1044 44  HOH WAT A . 
D 4 HOH 44  1045 45  HOH WAT A . 
D 4 HOH 45  1046 46  HOH WAT A . 
D 4 HOH 46  1047 48  HOH WAT A . 
D 4 HOH 47  1048 49  HOH WAT A . 
D 4 HOH 48  1049 50  HOH WAT A . 
D 4 HOH 49  1050 51  HOH WAT A . 
D 4 HOH 50  1051 53  HOH WAT A . 
D 4 HOH 51  1052 54  HOH WAT A . 
D 4 HOH 52  1053 55  HOH WAT A . 
D 4 HOH 53  1054 57  HOH WAT A . 
D 4 HOH 54  1055 58  HOH WAT A . 
D 4 HOH 55  1056 59  HOH WAT A . 
D 4 HOH 56  1057 60  HOH WAT A . 
D 4 HOH 57  1058 61  HOH WAT A . 
D 4 HOH 58  1059 62  HOH WAT A . 
D 4 HOH 59  1060 63  HOH WAT A . 
D 4 HOH 60  1061 64  HOH WAT A . 
D 4 HOH 61  1062 66  HOH WAT A . 
D 4 HOH 62  1063 68  HOH WAT A . 
D 4 HOH 63  1064 69  HOH WAT A . 
D 4 HOH 64  1065 70  HOH WAT A . 
D 4 HOH 65  1066 76  HOH WAT A . 
D 4 HOH 66  1067 77  HOH WAT A . 
D 4 HOH 67  1068 80  HOH WAT A . 
D 4 HOH 68  1069 90  HOH WAT A . 
D 4 HOH 69  1070 91  HOH WAT A . 
D 4 HOH 70  1071 92  HOH WAT A . 
D 4 HOH 71  1072 93  HOH WAT A . 
D 4 HOH 72  1073 94  HOH WAT A . 
D 4 HOH 73  1074 95  HOH WAT A . 
D 4 HOH 74  1075 96  HOH WAT A . 
D 4 HOH 75  1076 97  HOH WAT A . 
D 4 HOH 76  1077 98  HOH WAT A . 
D 4 HOH 77  1078 99  HOH WAT A . 
D 4 HOH 78  1079 100 HOH WAT A . 
D 4 HOH 79  1080 101 HOH WAT A . 
D 4 HOH 80  1081 102 HOH WAT A . 
D 4 HOH 81  1082 103 HOH WAT A . 
D 4 HOH 82  1083 104 HOH WAT A . 
D 4 HOH 83  1084 105 HOH WAT A . 
D 4 HOH 84  1085 106 HOH WAT A . 
D 4 HOH 85  1086 107 HOH WAT A . 
D 4 HOH 86  1087 108 HOH WAT A . 
D 4 HOH 87  1088 109 HOH WAT A . 
D 4 HOH 88  1089 110 HOH WAT A . 
D 4 HOH 89  1090 114 HOH WAT A . 
D 4 HOH 90  1091 115 HOH WAT A . 
D 4 HOH 91  1092 117 HOH WAT A . 
D 4 HOH 92  1093 118 HOH WAT A . 
D 4 HOH 93  1094 119 HOH WAT A . 
D 4 HOH 94  1095 120 HOH WAT A . 
D 4 HOH 95  1096 121 HOH WAT A . 
D 4 HOH 96  1097 122 HOH WAT A . 
D 4 HOH 97  1098 123 HOH WAT A . 
D 4 HOH 98  1099 124 HOH WAT A . 
D 4 HOH 99  1100 125 HOH WAT A . 
D 4 HOH 100 1101 127 HOH WAT A . 
D 4 HOH 101 1102 128 HOH WAT A . 
D 4 HOH 102 1103 129 HOH WAT A . 
D 4 HOH 103 1104 130 HOH WAT A . 
D 4 HOH 104 1105 131 HOH WAT A . 
D 4 HOH 105 1106 132 HOH WAT A . 
D 4 HOH 106 1107 133 HOH WAT A . 
D 4 HOH 107 1108 134 HOH WAT A . 
D 4 HOH 108 1109 135 HOH WAT A . 
D 4 HOH 109 1110 136 HOH WAT A . 
D 4 HOH 110 1111 137 HOH WAT A . 
D 4 HOH 111 1112 138 HOH WAT A . 
D 4 HOH 112 1113 139 HOH WAT A . 
D 4 HOH 113 1114 144 HOH WAT A . 
D 4 HOH 114 1115 145 HOH WAT A . 
D 4 HOH 115 1116 146 HOH WAT A . 
D 4 HOH 116 1117 149 HOH WAT A . 
D 4 HOH 117 1118 150 HOH WAT A . 
E 4 HOH 1   47   47  HOH WAT D . 
E 4 HOH 2   52   52  HOH WAT D . 
E 4 HOH 3   56   56  HOH WAT D . 
E 4 HOH 4   65   65  HOH WAT D . 
E 4 HOH 5   67   67  HOH WAT D . 
E 4 HOH 6   71   71  HOH WAT D . 
E 4 HOH 7   72   72  HOH WAT D . 
E 4 HOH 8   73   73  HOH WAT D . 
E 4 HOH 9   74   74  HOH WAT D . 
E 4 HOH 10  75   75  HOH WAT D . 
E 4 HOH 11  78   78  HOH WAT D . 
E 4 HOH 12  79   79  HOH WAT D . 
E 4 HOH 13  81   81  HOH WAT D . 
E 4 HOH 14  82   82  HOH WAT D . 
E 4 HOH 15  83   83  HOH WAT D . 
E 4 HOH 16  84   84  HOH WAT D . 
E 4 HOH 17  85   85  HOH WAT D . 
E 4 HOH 18  86   86  HOH WAT D . 
E 4 HOH 19  87   87  HOH WAT D . 
E 4 HOH 20  88   88  HOH WAT D . 
E 4 HOH 21  89   89  HOH WAT D . 
E 4 HOH 22  111  111 HOH WAT D . 
E 4 HOH 23  112  112 HOH WAT D . 
E 4 HOH 24  113  113 HOH WAT D . 
E 4 HOH 25  116  116 HOH WAT D . 
E 4 HOH 26  126  126 HOH WAT D . 
E 4 HOH 27  140  140 HOH WAT D . 
E 4 HOH 28  141  141 HOH WAT D . 
E 4 HOH 29  142  142 HOH WAT D . 
E 4 HOH 30  143  143 HOH WAT D . 
E 4 HOH 31  147  147 HOH WAT D . 
E 4 HOH 32  148  148 HOH WAT D . 
E 4 HOH 33  151  151 HOH WAT D . 
# 
loop_
_software.name 
_software.classification 
_software.version 
_software.citation_id 
_software.pdbx_ordinal 
DENZO     'data reduction' .   ? 1 
SCALEPACK 'data scaling'   .   ? 2 
MLPHARE   phasing          .   ? 3 
CNS       refinement       0.5 ? 4 
# 
_cell.entry_id           1CZQ 
_cell.length_a           41.829 
_cell.length_b           41.829 
_cell.length_c           84.817 
_cell.angle_alpha        90.00 
_cell.angle_beta         90.00 
_cell.angle_gamma        120.00 
_cell.Z_PDB              6 
_cell.pdbx_unique_axis   ? 
_cell.length_a_esd       ? 
_cell.length_b_esd       ? 
_cell.length_c_esd       ? 
_cell.angle_alpha_esd    ? 
_cell.angle_beta_esd     ? 
_cell.angle_gamma_esd    ? 
# 
_symmetry.entry_id                         1CZQ 
_symmetry.space_group_name_H-M             'P 3 2 1' 
_symmetry.pdbx_full_space_group_name_H-M   ? 
_symmetry.cell_setting                     ? 
_symmetry.Int_Tables_number                150 
_symmetry.space_group_name_Hall            ? 
# 
_exptl.entry_id          1CZQ 
_exptl.method            'X-RAY DIFFRACTION' 
_exptl.crystals_number   1 
# 
_exptl_crystal.id                    1 
_exptl_crystal.density_meas          ? 
_exptl_crystal.density_Matthews      2.7 
_exptl_crystal.density_percent_sol   53.7 
_exptl_crystal.description           ? 
_exptl_crystal.F_000                 ? 
_exptl_crystal.preparation           ? 
# 
_exptl_crystal_grow.crystal_id      1 
_exptl_crystal_grow.method          'VAPOR DIFFUSION, HANGING DROP' 
_exptl_crystal_grow.temp            293 
_exptl_crystal_grow.temp_details    ? 
_exptl_crystal_grow.pH              5.6 
_exptl_crystal_grow.pdbx_details    
'10% PEG 4000 0.1 M SODIUM CITRATE 20% 2-PROPANOL, pH 5.6, VAPOR DIFFUSION, HANGING DROP, temperature 293K' 
_exptl_crystal_grow.pdbx_pH_range   ? 
# 
_diffrn.id                     1 
_diffrn.ambient_temp           100 
_diffrn.ambient_temp_details   ? 
_diffrn.crystal_id             1 
# 
_diffrn_detector.diffrn_id              1 
_diffrn_detector.detector               'IMAGE PLATE' 
_diffrn_detector.type                   'RIGAKU RAXIS' 
_diffrn_detector.pdbx_collection_date   1999-03-24 
_diffrn_detector.details                ? 
# 
_diffrn_radiation.diffrn_id                        1 
_diffrn_radiation.wavelength_id                    1 
_diffrn_radiation.pdbx_monochromatic_or_laue_m_l   M 
_diffrn_radiation.monochromator                    ? 
_diffrn_radiation.pdbx_diffrn_protocol             MAD 
_diffrn_radiation.pdbx_scattering_type             x-ray 
# 
loop_
_diffrn_radiation_wavelength.id 
_diffrn_radiation_wavelength.wavelength 
_diffrn_radiation_wavelength.wt 
1 1.1197 1.0 
2 1.1393 1.0 
3 1.1403 1.0 
4 1.1399 1.0 
# 
_diffrn_source.diffrn_id                   1 
_diffrn_source.source                      SYNCHROTRON 
_diffrn_source.type                        'NSLS BEAMLINE X4A' 
_diffrn_source.pdbx_synchrotron_site       NSLS 
_diffrn_source.pdbx_synchrotron_beamline   X4A 
_diffrn_source.pdbx_wavelength             ? 
_diffrn_source.pdbx_wavelength_list        '1.1197, 1.1393, 1.1403, 1.1399' 
# 
_reflns.entry_id                     1CZQ 
_reflns.observed_criterion_sigma_I   -3 
_reflns.observed_criterion_sigma_F   0.0 
_reflns.d_resolution_low             35.0 
_reflns.d_resolution_high            1.5 
_reflns.number_obs                   13604 
_reflns.number_all                   14503 
_reflns.percent_possible_obs         93.8 
_reflns.pdbx_Rmerge_I_obs            0.048 
_reflns.pdbx_Rsym_value              ? 
_reflns.pdbx_netI_over_sigmaI        16.8 
_reflns.B_iso_Wilson_estimate        21.6 
_reflns.pdbx_redundancy              6.5 
_reflns.R_free_details               ? 
_reflns.limit_h_max                  ? 
_reflns.limit_h_min                  ? 
_reflns.limit_k_max                  ? 
_reflns.limit_k_min                  ? 
_reflns.limit_l_max                  ? 
_reflns.limit_l_min                  ? 
_reflns.observed_criterion_F_max     ? 
_reflns.observed_criterion_F_min     ? 
_reflns.pdbx_chi_squared             ? 
_reflns.pdbx_scaling_rejects         ? 
_reflns.pdbx_ordinal                 1 
_reflns.pdbx_diffrn_id               1 
# 
_reflns_shell.d_res_high             1.5 
_reflns_shell.d_res_low              1.55 
_reflns_shell.percent_possible_all   86.8 
_reflns_shell.Rmerge_I_obs           0.235 
_reflns_shell.pdbx_Rsym_value        ? 
_reflns_shell.meanI_over_sigI_obs    4.5 
_reflns_shell.pdbx_redundancy        6.1 
_reflns_shell.percent_possible_obs   ? 
_reflns_shell.number_unique_all      ? 
_reflns_shell.number_measured_all    ? 
_reflns_shell.number_measured_obs    ? 
_reflns_shell.number_unique_obs      ? 
_reflns_shell.pdbx_chi_squared       ? 
_reflns_shell.pdbx_ordinal           1 
_reflns_shell.pdbx_diffrn_id         1 
# 
_refine.entry_id                                 1CZQ 
_refine.ls_number_reflns_obs                     13549 
_refine.ls_number_reflns_all                     14322 
_refine.pdbx_ls_sigma_I                          0.0 
_refine.pdbx_ls_sigma_F                          0.0 
_refine.pdbx_data_cutoff_high_absF               646169.44 
_refine.pdbx_data_cutoff_low_absF                0.00 
_refine.pdbx_data_cutoff_high_rms_absF           ? 
_refine.ls_d_res_low                             10.00 
_refine.ls_d_res_high                            1.50 
_refine.ls_percent_reflns_obs                    94.6 
_refine.ls_R_factor_obs                          0.214 
_refine.ls_R_factor_all                          0.214 
_refine.ls_R_factor_R_work                       0.214 
_refine.ls_R_factor_R_free                       0.245 
_refine.ls_R_factor_R_free_error                 0.007 
_refine.ls_R_factor_R_free_error_details         ? 
_refine.ls_percent_reflns_R_free                 10.0 
_refine.ls_number_reflns_R_free                  1362 
_refine.ls_number_parameters                     ? 
_refine.ls_number_restraints                     ? 
_refine.occupancy_min                            ? 
_refine.occupancy_max                            ? 
_refine.B_iso_mean                               29.7 
_refine.aniso_B[1][1]                            3.61 
_refine.aniso_B[2][2]                            3.61 
_refine.aniso_B[3][3]                            -7.22 
_refine.aniso_B[1][2]                            1.74 
_refine.aniso_B[1][3]                            0.00 
_refine.aniso_B[2][3]                            0.00 
_refine.solvent_model_details                    'FLAT MODEL' 
_refine.solvent_model_param_ksol                 0.394 
_refine.solvent_model_param_bsol                 58.34 
_refine.pdbx_ls_cross_valid_method               THROUGHOUT 
_refine.details                                  ? 
_refine.pdbx_starting_model                      ? 
_refine.pdbx_method_to_determine_struct          ? 
_refine.pdbx_isotropic_thermal_model             RESTRAINED 
_refine.pdbx_stereochemistry_target_values       'ENGH & HUBER' 
_refine.pdbx_stereochem_target_val_spec_case     ? 
_refine.pdbx_R_Free_selection_details            RANDOM 
_refine.pdbx_overall_ESU_R_Free                  ? 
_refine.overall_SU_ML                            ? 
_refine.overall_SU_B                             ? 
_refine.ls_redundancy_reflns_obs                 ? 
_refine.B_iso_min                                ? 
_refine.B_iso_max                                ? 
_refine.pdbx_refine_id                           'X-RAY DIFFRACTION' 
_refine.pdbx_overall_phase_error                 ? 
_refine.correlation_coeff_Fo_to_Fc               ? 
_refine.correlation_coeff_Fo_to_Fc_free          ? 
_refine.pdbx_solvent_vdw_probe_radii             ? 
_refine.pdbx_solvent_ion_probe_radii             ? 
_refine.pdbx_solvent_shrinkage_radii             ? 
_refine.overall_SU_R_Cruickshank_DPI             ? 
_refine.overall_SU_R_free                        ? 
_refine.ls_wR_factor_R_free                      ? 
_refine.ls_wR_factor_R_work                      ? 
_refine.overall_FOM_free_R_set                   ? 
_refine.overall_FOM_work_R_set                   ? 
_refine.pdbx_overall_ESU_R                       ? 
_refine.pdbx_diffrn_id                           1 
_refine.pdbx_TLS_residual_ADP_flag               ? 
_refine.pdbx_overall_SU_R_free_Cruickshank_DPI   ? 
_refine.pdbx_overall_SU_R_Blow_DPI               ? 
_refine.pdbx_overall_SU_R_free_Blow_DPI          ? 
# 
_refine_analyze.entry_id                        1CZQ 
_refine_analyze.Luzzati_coordinate_error_obs    0.18 
_refine_analyze.Luzzati_sigma_a_obs             0.09 
_refine_analyze.Luzzati_d_res_low_obs           5.00 
_refine_analyze.Luzzati_coordinate_error_free   0.20 
_refine_analyze.Luzzati_sigma_a_free            0.12 
_refine_analyze.Luzzati_d_res_low_free          ? 
_refine_analyze.number_disordered_residues      ? 
_refine_analyze.occupancy_sum_hydrogen          ? 
_refine_analyze.occupancy_sum_non_hydrogen      ? 
_refine_analyze.pdbx_Luzzati_d_res_high_obs     ? 
_refine_analyze.pdbx_refine_id                  'X-RAY DIFFRACTION' 
# 
_refine_hist.pdbx_refine_id                   'X-RAY DIFFRACTION' 
_refine_hist.cycle_id                         LAST 
_refine_hist.pdbx_number_atoms_protein        515 
_refine_hist.pdbx_number_atoms_nucleic_acid   0 
_refine_hist.pdbx_number_atoms_ligand         1 
_refine_hist.number_atoms_solvent             150 
_refine_hist.number_atoms_total               666 
_refine_hist.d_res_high                       1.50 
_refine_hist.d_res_low                        10.00 
# 
loop_
_refine_ls_restr.type 
_refine_ls_restr.dev_ideal 
_refine_ls_restr.dev_ideal_target 
_refine_ls_restr.weight 
_refine_ls_restr.number 
_refine_ls_restr.pdbx_refine_id 
_refine_ls_restr.pdbx_restraint_function 
c_bond_d                0.012 ?   ? ? 'X-RAY DIFFRACTION' ? 
c_bond_d_na             ?     ?   ? ? 'X-RAY DIFFRACTION' ? 
c_bond_d_prot           ?     ?   ? ? 'X-RAY DIFFRACTION' ? 
c_angle_d               ?     ?   ? ? 'X-RAY DIFFRACTION' ? 
c_angle_d_na            ?     ?   ? ? 'X-RAY DIFFRACTION' ? 
c_angle_d_prot          ?     ?   ? ? 'X-RAY DIFFRACTION' ? 
c_angle_deg             1.5   ?   ? ? 'X-RAY DIFFRACTION' ? 
c_angle_deg_na          ?     ?   ? ? 'X-RAY DIFFRACTION' ? 
c_angle_deg_prot        ?     ?   ? ? 'X-RAY DIFFRACTION' ? 
c_dihedral_angle_d      15.7  ?   ? ? 'X-RAY DIFFRACTION' ? 
c_dihedral_angle_d_na   ?     ?   ? ? 'X-RAY DIFFRACTION' ? 
c_dihedral_angle_d_prot ?     ?   ? ? 'X-RAY DIFFRACTION' ? 
c_improper_angle_d      1.00  ?   ? ? 'X-RAY DIFFRACTION' ? 
c_improper_angle_d_na   ?     ?   ? ? 'X-RAY DIFFRACTION' ? 
c_improper_angle_d_prot ?     ?   ? ? 'X-RAY DIFFRACTION' ? 
c_mcbond_it             0.956 2.0 ? ? 'X-RAY DIFFRACTION' ? 
c_mcangle_it            1.503 3.0 ? ? 'X-RAY DIFFRACTION' ? 
c_scbond_it             1.853 3.0 ? ? 'X-RAY DIFFRACTION' ? 
c_scangle_it            2.676 3.5 ? ? 'X-RAY DIFFRACTION' ? 
# 
_refine_ls_shell.pdbx_total_number_of_bins_used   6 
_refine_ls_shell.d_res_high                       1.50 
_refine_ls_shell.d_res_low                        1.59 
_refine_ls_shell.number_reflns_R_work             2008 
_refine_ls_shell.R_factor_R_work                  0.233 
_refine_ls_shell.percent_reflns_obs               96.1 
_refine_ls_shell.R_factor_R_free                  0.27 
_refine_ls_shell.R_factor_R_free_error            0.018 
_refine_ls_shell.percent_reflns_R_free            9.8 
_refine_ls_shell.number_reflns_R_free             219 
_refine_ls_shell.redundancy_reflns_obs            ? 
_refine_ls_shell.number_reflns_all                ? 
_refine_ls_shell.number_reflns_obs                ? 
_refine_ls_shell.pdbx_refine_id                   'X-RAY DIFFRACTION' 
_refine_ls_shell.R_factor_all                     ? 
# 
loop_
_pdbx_xplor_file.serial_no 
_pdbx_xplor_file.param_file 
_pdbx_xplor_file.topol_file 
_pdbx_xplor_file.pdbx_refine_id 
1 PROTEIN_REP_D.PARAM PROTEIN.TOP 'X-RAY DIFFRACTION' 
2 WATER_REP.PARA      WATER.TOP   'X-RAY DIFFRACTION' 
3 ION.PARAM           ION.TOP     'X-RAY DIFFRACTION' 
# 
_struct.entry_id                  1CZQ 
_struct.title                     
'CRYSTAL STRUCTURE OF THE D10-P1/IQN17 COMPLEX: A D-PEPTIDE INHIBITOR OF HIV-1 ENTRY BOUND TO THE GP41 COILED-COIL POCKET.' 
_struct.pdbx_model_details        ? 
_struct.pdbx_CASP_flag            ? 
_struct.pdbx_model_type_details   ? 
# 
_struct_keywords.entry_id        1CZQ 
_struct_keywords.pdbx_keywords   'Viral protein/inhibitor' 
_struct_keywords.text            'ENVELOPE GLYCOPROTEIN, Viral protein-inhibitor COMPLEX' 
# 
loop_
_struct_asym.id 
_struct_asym.pdbx_blank_PDB_chainid_flag 
_struct_asym.pdbx_modified 
_struct_asym.entity_id 
_struct_asym.details 
A N N 1 ? 
B N N 2 ? 
C N N 3 ? 
D N N 4 ? 
E N N 4 ? 
# 
loop_
_struct_ref.id 
_struct_ref.db_name 
_struct_ref.db_code 
_struct_ref.entity_id 
_struct_ref.pdbx_db_accession 
_struct_ref.pdbx_align_begin 
_struct_ref.pdbx_seq_one_letter_code 
_struct_ref.pdbx_db_isoform 
1 GB  U36871 1 1587615 ? ? ? 
2 PDB 1CZQ   2 1CZQ    ? ? ? 
# 
loop_
_struct_ref_seq.align_id 
_struct_ref_seq.ref_id 
_struct_ref_seq.pdbx_PDB_id_code 
_struct_ref_seq.pdbx_strand_id 
_struct_ref_seq.seq_align_beg 
_struct_ref_seq.pdbx_seq_align_beg_ins_code 
_struct_ref_seq.seq_align_end 
_struct_ref_seq.pdbx_seq_align_end_ins_code 
_struct_ref_seq.pdbx_db_accession 
_struct_ref_seq.db_align_beg 
_struct_ref_seq.pdbx_db_align_beg_ins_code 
_struct_ref_seq.db_align_end 
_struct_ref_seq.pdbx_db_align_end_ins_code 
_struct_ref_seq.pdbx_auth_seq_align_beg 
_struct_ref_seq.pdbx_auth_seq_align_end 
1 1 1CZQ A 30 ? 46 ? 1587615 565 ? 581 ? 29 45 
2 2 1CZQ D 1  ? 17 ? 1CZQ    0   ? 16  ? 0  16 
# 
_pdbx_struct_assembly.id                   1 
_pdbx_struct_assembly.details              author_and_software_defined_assembly 
_pdbx_struct_assembly.method_details       PISA,PQS 
_pdbx_struct_assembly.oligomeric_details   hexameric 
_pdbx_struct_assembly.oligomeric_count     6 
# 
loop_
_pdbx_struct_assembly_prop.biol_id 
_pdbx_struct_assembly_prop.type 
_pdbx_struct_assembly_prop.value 
_pdbx_struct_assembly_prop.details 
1 'ABSA (A^2)' 9460  ? 
1 MORE         -115  ? 
1 'SSA (A^2)'  10980 ? 
# 
_pdbx_struct_assembly_gen.assembly_id       1 
_pdbx_struct_assembly_gen.oper_expression   1,2,3 
_pdbx_struct_assembly_gen.asym_id_list      A,B,C,D,E 
# 
loop_
_pdbx_struct_oper_list.id 
_pdbx_struct_oper_list.type 
_pdbx_struct_oper_list.name 
_pdbx_struct_oper_list.symmetry_operation 
_pdbx_struct_oper_list.matrix[1][1] 
_pdbx_struct_oper_list.matrix[1][2] 
_pdbx_struct_oper_list.matrix[1][3] 
_pdbx_struct_oper_list.vector[1] 
_pdbx_struct_oper_list.matrix[2][1] 
_pdbx_struct_oper_list.matrix[2][2] 
_pdbx_struct_oper_list.matrix[2][3] 
_pdbx_struct_oper_list.vector[2] 
_pdbx_struct_oper_list.matrix[3][1] 
_pdbx_struct_oper_list.matrix[3][2] 
_pdbx_struct_oper_list.matrix[3][3] 
_pdbx_struct_oper_list.vector[3] 
1 'identity operation'         1_555 x,y,z         1.0000000000 0.0000000000  0.0000000000  0.0000000000  0.0000000000  1.0000000000 0.0000000000  0.0000000000  0.0000000000  0.0000000000  1.0000000000  0.0000000000  
2 'crystal symmetry operation' 2_655 -y+1,x-y,z    0.2134051942 -0.8109665684 -0.5447856900 -2.8904748147 -0.6789211546 0.2778768102 -0.6795958683 -1.4502196059 0.7025128390  0.5148958179  -0.4912820043 12.4486819115 
3 'crystal symmetry operation' 3_665 -x+y+1,-x+1,z 0.2134051942 -0.6789211546 0.7025128390  -9.1131013009 -0.8109665684 0.2778768102 0.5148958179  -8.3508702976 -0.5447856900 -0.6795958683 -0.4912820043 3.5555608324 
# 
_struct_biol.id        1 
_struct_biol.details   ? 
# 
_struct_conf.conf_type_id            HELX_P 
_struct_conf.id                      HELX_P1 
_struct_conf.pdbx_PDB_helix_id       1 
_struct_conf.beg_label_comp_id       ARG 
_struct_conf.beg_label_asym_id       A 
_struct_conf.beg_label_seq_id        2 
_struct_conf.pdbx_beg_PDB_ins_code   ? 
_struct_conf.end_label_comp_id       LEU 
_struct_conf.end_label_asym_id       A 
_struct_conf.end_label_seq_id        46 
_struct_conf.pdbx_end_PDB_ins_code   ? 
_struct_conf.beg_auth_comp_id        ARG 
_struct_conf.beg_auth_asym_id        A 
_struct_conf.beg_auth_seq_id         1 
_struct_conf.end_auth_comp_id        LEU 
_struct_conf.end_auth_asym_id        A 
_struct_conf.end_auth_seq_id         45 
_struct_conf.pdbx_PDB_helix_class    1 
_struct_conf.details                 ? 
_struct_conf.pdbx_PDB_helix_length   45 
# 
_struct_conf_type.id          HELX_P 
_struct_conf_type.criteria    ? 
_struct_conf_type.reference   ? 
# 
loop_
_struct_conn.id 
_struct_conn.conn_type_id 
_struct_conn.pdbx_leaving_atom_flag 
_struct_conn.pdbx_PDB_id 
_struct_conn.ptnr1_label_asym_id 
_struct_conn.ptnr1_label_comp_id 
_struct_conn.ptnr1_label_seq_id 
_struct_conn.ptnr1_label_atom_id 
_struct_conn.pdbx_ptnr1_label_alt_id 
_struct_conn.pdbx_ptnr1_PDB_ins_code 
_struct_conn.pdbx_ptnr1_standard_comp_id 
_struct_conn.ptnr1_symmetry 
_struct_conn.ptnr2_label_asym_id 
_struct_conn.ptnr2_label_comp_id 
_struct_conn.ptnr2_label_seq_id 
_struct_conn.ptnr2_label_atom_id 
_struct_conn.pdbx_ptnr2_label_alt_id 
_struct_conn.pdbx_ptnr2_PDB_ins_code 
_struct_conn.ptnr1_auth_asym_id 
_struct_conn.ptnr1_auth_comp_id 
_struct_conn.ptnr1_auth_seq_id 
_struct_conn.ptnr2_auth_asym_id 
_struct_conn.ptnr2_auth_comp_id 
_struct_conn.ptnr2_auth_seq_id 
_struct_conn.ptnr2_symmetry 
_struct_conn.pdbx_ptnr3_label_atom_id 
_struct_conn.pdbx_ptnr3_label_seq_id 
_struct_conn.pdbx_ptnr3_label_comp_id 
_struct_conn.pdbx_ptnr3_label_asym_id 
_struct_conn.pdbx_ptnr3_label_alt_id 
_struct_conn.pdbx_ptnr3_PDB_ins_code 
_struct_conn.details 
_struct_conn.pdbx_dist_value 
_struct_conn.pdbx_value_order 
_struct_conn.pdbx_role 
disulf1  disulf ?    ? B DCY 4  SG ? ? ? 1_555 B DCY 15 SG ? ? D DCY 3  D DCY 14 1_555 ? ? ? ? ? ? ? 2.048 ? ? 
covale1  covale both ? A ACE 1  C  ? ? ? 1_555 A ARG 2  N  ? ? A ACE 0  A ARG 1  1_555 ? ? ? ? ? ? ? 1.333 ? ? 
covale2  covale both ? B ACE 1  C  ? ? ? 1_555 B GLY 2  N  ? ? D ACE 0  D GLY 1  1_555 ? ? ? ? ? ? ? 1.336 ? ? 
covale3  covale both ? B GLY 2  C  ? ? ? 1_555 B DAL 3  N  ? ? D GLY 1  D DAL 2  1_555 ? ? ? ? ? ? ? 1.327 ? ? 
covale4  covale both ? B DAL 3  C  ? ? ? 1_555 B DCY 4  N  ? ? D DAL 2  D DCY 3  1_555 ? ? ? ? ? ? ? 1.324 ? ? 
covale5  covale both ? B DCY 4  C  ? ? ? 1_555 B DGL 5  N  ? ? D DCY 3  D DGL 4  1_555 ? ? ? ? ? ? ? 1.323 ? ? 
covale6  covale none ? B DCY 4  SG ? ? ? 1_555 B DCY 15 SG ? ? D DCY 3  D DCY 14 1_555 ? ? ? ? ? ? ? 2.048 ? ? 
covale7  covale both ? B DGL 5  C  ? ? ? 1_555 B DAL 6  N  ? ? D DGL 4  D DAL 5  1_555 ? ? ? ? ? ? ? 1.326 ? ? 
covale8  covale both ? B DAL 6  C  ? ? ? 1_555 B DAR 7  N  ? ? D DAL 5  D DAR 6  1_555 ? ? ? ? ? ? ? 1.327 ? ? 
covale9  covale both ? B DAR 7  C  ? ? ? 1_555 B DHI 8  N  ? ? D DAR 6  D DHI 7  1_555 ? ? ? ? ? ? ? 1.324 ? ? 
covale10 covale both ? B DHI 8  C  ? ? ? 1_555 B DAR 9  N  ? ? D DHI 7  D DAR 8  1_555 ? ? ? ? ? ? ? 1.329 ? ? 
covale11 covale both ? B DAR 9  C  ? ? ? 1_555 B DGL 10 N  ? ? D DAR 8  D DGL 9  1_555 ? ? ? ? ? ? ? 1.329 ? ? 
covale12 covale both ? B DGL 10 C  ? ? ? 1_555 B DTR 11 N  ? ? D DGL 9  D DTR 10 1_555 ? ? ? ? ? ? ? 1.328 ? ? 
covale13 covale both ? B DTR 11 C  ? ? ? 1_555 B DAL 12 N  ? ? D DTR 10 D DAL 11 1_555 ? ? ? ? ? ? ? 1.332 ? ? 
covale14 covale both ? B DAL 12 C  ? ? ? 1_555 B DTR 13 N  ? ? D DAL 11 D DTR 12 1_555 ? ? ? ? ? ? ? 1.335 ? ? 
covale15 covale both ? B DTR 13 C  ? ? ? 1_555 B DLE 14 N  ? ? D DTR 12 D DLE 13 1_555 ? ? ? ? ? ? ? 1.330 ? ? 
covale16 covale both ? B DLE 14 C  ? ? ? 1_555 B DCY 15 N  ? ? D DLE 13 D DCY 14 1_555 ? ? ? ? ? ? ? 1.335 ? ? 
covale17 covale both ? B DCY 15 C  ? ? ? 1_555 B DAL 16 N  ? ? D DCY 14 D DAL 15 1_555 ? ? ? ? ? ? ? 1.329 ? ? 
covale18 covale both ? B DAL 16 C  ? ? ? 1_555 B DAL 17 N  ? ? D DAL 15 D DAL 16 1_555 ? ? ? ? ? ? ? 1.332 ? ? 
# 
loop_
_struct_conn_type.id 
_struct_conn_type.criteria 
_struct_conn_type.reference 
disulf ? ? 
covale ? ? 
# 
loop_
_pdbx_modification_feature.ordinal 
_pdbx_modification_feature.label_comp_id 
_pdbx_modification_feature.label_asym_id 
_pdbx_modification_feature.label_seq_id 
_pdbx_modification_feature.label_alt_id 
_pdbx_modification_feature.modified_residue_label_comp_id 
_pdbx_modification_feature.modified_residue_label_asym_id 
_pdbx_modification_feature.modified_residue_label_seq_id 
_pdbx_modification_feature.modified_residue_label_alt_id 
_pdbx_modification_feature.auth_comp_id 
_pdbx_modification_feature.auth_asym_id 
_pdbx_modification_feature.auth_seq_id 
_pdbx_modification_feature.PDB_ins_code 
_pdbx_modification_feature.symmetry 
_pdbx_modification_feature.modified_residue_auth_comp_id 
_pdbx_modification_feature.modified_residue_auth_asym_id 
_pdbx_modification_feature.modified_residue_auth_seq_id 
_pdbx_modification_feature.modified_residue_PDB_ins_code 
_pdbx_modification_feature.modified_residue_symmetry 
_pdbx_modification_feature.comp_id_linking_atom 
_pdbx_modification_feature.modified_residue_id_linking_atom 
_pdbx_modification_feature.modified_residue_id 
_pdbx_modification_feature.ref_pcm_id 
_pdbx_modification_feature.ref_comp_id 
_pdbx_modification_feature.type 
_pdbx_modification_feature.category 
1 ACE A 1 ? ARG A 2  ? ACE A 0 ? 1_555 ARG A 1  ? 1_555 .  .  ARG 8  ACE None 'Terminal acetylation' 
2 ACE B 1 ? GLY B 2  ? ACE D 0 ? 1_555 GLY D 1  ? 1_555 .  .  GLY 12 ACE None 'Terminal acetylation' 
3 DCY B 4 ? DCY B 15 ? DCY D 3 ? 1_555 DCY D 14 ? 1_555 SG SG .   .  .   None 'Disulfide bridge'     
4 DCY B 4 ? DCY B 15 ? DCY D 3 ? 1_555 DCY D 14 ? 1_555 SG SG .   .  .   None 'Non-standard linkage' 
# 
loop_
_struct_site.id 
_struct_site.pdbx_evidence_code 
_struct_site.pdbx_auth_asym_id 
_struct_site.pdbx_auth_comp_id 
_struct_site.pdbx_auth_seq_id 
_struct_site.pdbx_auth_ins_code 
_struct_site.pdbx_num_residues 
_struct_site.details 
AC1 Software A CL 1001 ? 3  'BINDING SITE FOR RESIDUE CL A 1001'              
AC2 Software ? ?  ?    ? 34 'BINDING SITE FOR CHAIN D OF D-PEPTIDE INHIBITOR' 
# 
loop_
_struct_site_gen.id 
_struct_site_gen.site_id 
_struct_site_gen.pdbx_num_res 
_struct_site_gen.label_comp_id 
_struct_site_gen.label_asym_id 
_struct_site_gen.label_seq_id 
_struct_site_gen.pdbx_auth_ins_code 
_struct_site_gen.auth_comp_id 
_struct_site_gen.auth_asym_id 
_struct_site_gen.auth_seq_id 
_struct_site_gen.label_atom_id 
_struct_site_gen.label_alt_id 
_struct_site_gen.symmetry 
_struct_site_gen.details 
1  AC1 3  GLN A 17 ? GLN A 16   . ? 1_555 ? 
2  AC1 3  GLN A 17 ? GLN A 16   . ? 3_665 ? 
3  AC1 3  GLN A 17 ? GLN A 16   . ? 2_655 ? 
4  AC2 34 LEU A 33 ? LEU A 32   . ? 1_555 ? 
5  AC2 34 VAL A 35 ? VAL A 34   . ? 2_655 ? 
6  AC2 34 TRP A 36 ? TRP A 35   . ? 1_555 ? 
7  AC2 34 LYS A 39 ? LYS A 38   . ? 2_655 ? 
8  AC2 34 GLN A 42 ? GLN A 41   . ? 2_655 ? 
9  AC2 34 ARG A 44 ? ARG A 43   . ? 5_556 ? 
10 AC2 34 ARG A 44 ? ARG A 43   . ? 6_656 ? 
11 AC2 34 ILE A 45 ? ILE A 44   . ? 6_656 ? 
12 AC2 34 LEU A 46 ? LEU A 45   . ? 6_656 ? 
13 AC2 34 HOH D .  ? HOH A 1057 . ? 2_655 ? 
14 AC2 34 HOH D .  ? HOH A 1065 . ? 2_655 ? 
15 AC2 34 HOH D .  ? HOH A 1077 . ? 2_655 ? 
16 AC2 34 HOH D .  ? HOH A 1083 . ? 5_556 ? 
17 AC2 34 HOH D .  ? HOH A 1086 . ? 6_656 ? 
18 AC2 34 HOH D .  ? HOH A 1106 . ? 4_546 ? 
19 AC2 34 HOH D .  ? HOH A 1114 . ? 4_546 ? 
20 AC2 34 HOH E .  ? HOH D 47   . ? 1_555 ? 
21 AC2 34 HOH E .  ? HOH D 52   . ? 1_555 ? 
22 AC2 34 HOH E .  ? HOH D 65   . ? 1_555 ? 
23 AC2 34 HOH E .  ? HOH D 67   . ? 1_555 ? 
24 AC2 34 HOH E .  ? HOH D 71   . ? 1_555 ? 
25 AC2 34 HOH E .  ? HOH D 72   . ? 1_555 ? 
26 AC2 34 HOH E .  ? HOH D 73   . ? 1_555 ? 
27 AC2 34 HOH E .  ? HOH D 74   . ? 1_555 ? 
28 AC2 34 HOH E .  ? HOH D 79   . ? 1_555 ? 
29 AC2 34 HOH E .  ? HOH D 83   . ? 1_555 ? 
30 AC2 34 HOH E .  ? HOH D 85   . ? 1_555 ? 
31 AC2 34 HOH E .  ? HOH D 86   . ? 1_555 ? 
32 AC2 34 HOH E .  ? HOH D 87   . ? 1_555 ? 
33 AC2 34 HOH E .  ? HOH D 88   . ? 1_555 ? 
34 AC2 34 HOH E .  ? HOH D 111  . ? 1_555 ? 
35 AC2 34 HOH E .  ? HOH D 140  . ? 1_555 ? 
36 AC2 34 HOH E .  ? HOH D 142  . ? 1_555 ? 
37 AC2 34 HOH E .  ? HOH D 143  . ? 1_555 ? 
# 
_pdbx_entry_details.entry_id                   1CZQ 
_pdbx_entry_details.compound_details           ? 
_pdbx_entry_details.source_details             ? 
_pdbx_entry_details.nonpolymer_details         ? 
_pdbx_entry_details.sequence_details           ? 
_pdbx_entry_details.has_ligand_of_interest     ? 
_pdbx_entry_details.has_protein_modification   Y 
# 
_pdbx_validate_rmsd_angle.id                         1 
_pdbx_validate_rmsd_angle.PDB_model_num              1 
_pdbx_validate_rmsd_angle.auth_atom_id_1             NE 
_pdbx_validate_rmsd_angle.auth_asym_id_1             A 
_pdbx_validate_rmsd_angle.auth_comp_id_1             ARG 
_pdbx_validate_rmsd_angle.auth_seq_id_1              43 
_pdbx_validate_rmsd_angle.PDB_ins_code_1             ? 
_pdbx_validate_rmsd_angle.label_alt_id_1             ? 
_pdbx_validate_rmsd_angle.auth_atom_id_2             CZ 
_pdbx_validate_rmsd_angle.auth_asym_id_2             A 
_pdbx_validate_rmsd_angle.auth_comp_id_2             ARG 
_pdbx_validate_rmsd_angle.auth_seq_id_2              43 
_pdbx_validate_rmsd_angle.PDB_ins_code_2             ? 
_pdbx_validate_rmsd_angle.label_alt_id_2             ? 
_pdbx_validate_rmsd_angle.auth_atom_id_3             NH2 
_pdbx_validate_rmsd_angle.auth_asym_id_3             A 
_pdbx_validate_rmsd_angle.auth_comp_id_3             ARG 
_pdbx_validate_rmsd_angle.auth_seq_id_3              43 
_pdbx_validate_rmsd_angle.PDB_ins_code_3             ? 
_pdbx_validate_rmsd_angle.label_alt_id_3             ? 
_pdbx_validate_rmsd_angle.angle_value                114.16 
_pdbx_validate_rmsd_angle.angle_target_value         120.30 
_pdbx_validate_rmsd_angle.angle_deviation            -6.14 
_pdbx_validate_rmsd_angle.angle_standard_deviation   0.50 
_pdbx_validate_rmsd_angle.linker_flag                N 
# 
loop_
_pdbx_struct_special_symmetry.id 
_pdbx_struct_special_symmetry.PDB_model_num 
_pdbx_struct_special_symmetry.auth_asym_id 
_pdbx_struct_special_symmetry.auth_comp_id 
_pdbx_struct_special_symmetry.auth_seq_id 
_pdbx_struct_special_symmetry.PDB_ins_code 
_pdbx_struct_special_symmetry.label_asym_id 
_pdbx_struct_special_symmetry.label_comp_id 
_pdbx_struct_special_symmetry.label_seq_id 
1 1 A CL  1001 ? C CL  . 
2 1 A HOH 1020 ? D HOH . 
3 1 A HOH 1063 ? D HOH . 
4 1 A HOH 1088 ? D HOH . 
5 1 A HOH 1107 ? D HOH . 
6 1 A HOH 1109 ? D HOH . 
# 
loop_
_chem_comp_atom.comp_id 
_chem_comp_atom.atom_id 
_chem_comp_atom.type_symbol 
_chem_comp_atom.pdbx_aromatic_flag 
_chem_comp_atom.pdbx_stereo_config 
_chem_comp_atom.pdbx_ordinal 
ACE C    C  N N 1   
ACE O    O  N N 2   
ACE CH3  C  N N 3   
ACE H    H  N N 4   
ACE H1   H  N N 5   
ACE H2   H  N N 6   
ACE H3   H  N N 7   
ALA N    N  N N 8   
ALA CA   C  N S 9   
ALA C    C  N N 10  
ALA O    O  N N 11  
ALA CB   C  N N 12  
ALA OXT  O  N N 13  
ALA H    H  N N 14  
ALA H2   H  N N 15  
ALA HA   H  N N 16  
ALA HB1  H  N N 17  
ALA HB2  H  N N 18  
ALA HB3  H  N N 19  
ALA HXT  H  N N 20  
ARG N    N  N N 21  
ARG CA   C  N S 22  
ARG C    C  N N 23  
ARG O    O  N N 24  
ARG CB   C  N N 25  
ARG CG   C  N N 26  
ARG CD   C  N N 27  
ARG NE   N  N N 28  
ARG CZ   C  N N 29  
ARG NH1  N  N N 30  
ARG NH2  N  N N 31  
ARG OXT  O  N N 32  
ARG H    H  N N 33  
ARG H2   H  N N 34  
ARG HA   H  N N 35  
ARG HB2  H  N N 36  
ARG HB3  H  N N 37  
ARG HG2  H  N N 38  
ARG HG3  H  N N 39  
ARG HD2  H  N N 40  
ARG HD3  H  N N 41  
ARG HE   H  N N 42  
ARG HH11 H  N N 43  
ARG HH12 H  N N 44  
ARG HH21 H  N N 45  
ARG HH22 H  N N 46  
ARG HXT  H  N N 47  
ASN N    N  N N 48  
ASN CA   C  N S 49  
ASN C    C  N N 50  
ASN O    O  N N 51  
ASN CB   C  N N 52  
ASN CG   C  N N 53  
ASN OD1  O  N N 54  
ASN ND2  N  N N 55  
ASN OXT  O  N N 56  
ASN H    H  N N 57  
ASN H2   H  N N 58  
ASN HA   H  N N 59  
ASN HB2  H  N N 60  
ASN HB3  H  N N 61  
ASN HD21 H  N N 62  
ASN HD22 H  N N 63  
ASN HXT  H  N N 64  
ASP N    N  N N 65  
ASP CA   C  N S 66  
ASP C    C  N N 67  
ASP O    O  N N 68  
ASP CB   C  N N 69  
ASP CG   C  N N 70  
ASP OD1  O  N N 71  
ASP OD2  O  N N 72  
ASP OXT  O  N N 73  
ASP H    H  N N 74  
ASP H2   H  N N 75  
ASP HA   H  N N 76  
ASP HB2  H  N N 77  
ASP HB3  H  N N 78  
ASP HD2  H  N N 79  
ASP HXT  H  N N 80  
CL  CL   CL N N 81  
DAL N    N  N N 82  
DAL CA   C  N R 83  
DAL CB   C  N N 84  
DAL C    C  N N 85  
DAL O    O  N N 86  
DAL OXT  O  N N 87  
DAL H    H  N N 88  
DAL H2   H  N N 89  
DAL HA   H  N N 90  
DAL HB1  H  N N 91  
DAL HB2  H  N N 92  
DAL HB3  H  N N 93  
DAL HXT  H  N N 94  
DAR N    N  N N 95  
DAR CA   C  N R 96  
DAR CB   C  N N 97  
DAR CG   C  N N 98  
DAR CD   C  N N 99  
DAR NE   N  N N 100 
DAR CZ   C  N N 101 
DAR NH1  N  N N 102 
DAR NH2  N  N N 103 
DAR C    C  N N 104 
DAR O    O  N N 105 
DAR OXT  O  N N 106 
DAR H    H  N N 107 
DAR H2   H  N N 108 
DAR HA   H  N N 109 
DAR HB2  H  N N 110 
DAR HB3  H  N N 111 
DAR HG2  H  N N 112 
DAR HG3  H  N N 113 
DAR HD2  H  N N 114 
DAR HD3  H  N N 115 
DAR HE   H  N N 116 
DAR HH11 H  N N 117 
DAR HH12 H  N N 118 
DAR HH21 H  N N 119 
DAR HH22 H  N N 120 
DAR HXT  H  N N 121 
DCY N    N  N N 122 
DCY CA   C  N S 123 
DCY C    C  N N 124 
DCY O    O  N N 125 
DCY CB   C  N N 126 
DCY SG   S  N N 127 
DCY OXT  O  N N 128 
DCY H    H  N N 129 
DCY H2   H  N N 130 
DCY HA   H  N N 131 
DCY HB2  H  N N 132 
DCY HB3  H  N N 133 
DCY HG   H  N N 134 
DCY HXT  H  N N 135 
DGL N    N  N N 136 
DGL CA   C  N R 137 
DGL C    C  N N 138 
DGL O    O  N N 139 
DGL CB   C  N N 140 
DGL CG   C  N N 141 
DGL CD   C  N N 142 
DGL OE1  O  N N 143 
DGL OE2  O  N N 144 
DGL OXT  O  N N 145 
DGL H    H  N N 146 
DGL H2   H  N N 147 
DGL HA   H  N N 148 
DGL HB2  H  N N 149 
DGL HB3  H  N N 150 
DGL HG2  H  N N 151 
DGL HG3  H  N N 152 
DGL HE2  H  N N 153 
DGL HXT  H  N N 154 
DHI N    N  N N 155 
DHI CA   C  N R 156 
DHI C    C  N N 157 
DHI O    O  N N 158 
DHI CB   C  N N 159 
DHI CG   C  Y N 160 
DHI ND1  N  Y N 161 
DHI CD2  C  Y N 162 
DHI CE1  C  Y N 163 
DHI NE2  N  Y N 164 
DHI OXT  O  N N 165 
DHI H    H  N N 166 
DHI H2   H  N N 167 
DHI HA   H  N N 168 
DHI HB2  H  N N 169 
DHI HB3  H  N N 170 
DHI HD1  H  N N 171 
DHI HD2  H  N N 172 
DHI HE1  H  N N 173 
DHI HE2  H  N N 174 
DHI HXT  H  N N 175 
DLE N    N  N N 176 
DLE CA   C  N R 177 
DLE CB   C  N N 178 
DLE CG   C  N N 179 
DLE CD1  C  N N 180 
DLE CD2  C  N N 181 
DLE C    C  N N 182 
DLE O    O  N N 183 
DLE OXT  O  N N 184 
DLE H    H  N N 185 
DLE H2   H  N N 186 
DLE HA   H  N N 187 
DLE HB2  H  N N 188 
DLE HB3  H  N N 189 
DLE HG   H  N N 190 
DLE HD11 H  N N 191 
DLE HD12 H  N N 192 
DLE HD13 H  N N 193 
DLE HD21 H  N N 194 
DLE HD22 H  N N 195 
DLE HD23 H  N N 196 
DLE HXT  H  N N 197 
DTR N    N  N N 198 
DTR CA   C  N R 199 
DTR CB   C  N N 200 
DTR CG   C  Y N 201 
DTR CD1  C  Y N 202 
DTR NE1  N  Y N 203 
DTR CE2  C  Y N 204 
DTR CZ2  C  Y N 205 
DTR CH2  C  Y N 206 
DTR CZ3  C  Y N 207 
DTR CE3  C  Y N 208 
DTR CD2  C  Y N 209 
DTR C    C  N N 210 
DTR O    O  N N 211 
DTR OXT  O  N N 212 
DTR H    H  N N 213 
DTR H2   H  N N 214 
DTR HA   H  N N 215 
DTR HB2  H  N N 216 
DTR HB3  H  N N 217 
DTR HD1  H  N N 218 
DTR HE1  H  N N 219 
DTR HZ2  H  N N 220 
DTR HH2  H  N N 221 
DTR HZ3  H  N N 222 
DTR HE3  H  N N 223 
DTR HXT  H  N N 224 
GLN N    N  N N 225 
GLN CA   C  N S 226 
GLN C    C  N N 227 
GLN O    O  N N 228 
GLN CB   C  N N 229 
GLN CG   C  N N 230 
GLN CD   C  N N 231 
GLN OE1  O  N N 232 
GLN NE2  N  N N 233 
GLN OXT  O  N N 234 
GLN H    H  N N 235 
GLN H2   H  N N 236 
GLN HA   H  N N 237 
GLN HB2  H  N N 238 
GLN HB3  H  N N 239 
GLN HG2  H  N N 240 
GLN HG3  H  N N 241 
GLN HE21 H  N N 242 
GLN HE22 H  N N 243 
GLN HXT  H  N N 244 
GLU N    N  N N 245 
GLU CA   C  N S 246 
GLU C    C  N N 247 
GLU O    O  N N 248 
GLU CB   C  N N 249 
GLU CG   C  N N 250 
GLU CD   C  N N 251 
GLU OE1  O  N N 252 
GLU OE2  O  N N 253 
GLU OXT  O  N N 254 
GLU H    H  N N 255 
GLU H2   H  N N 256 
GLU HA   H  N N 257 
GLU HB2  H  N N 258 
GLU HB3  H  N N 259 
GLU HG2  H  N N 260 
GLU HG3  H  N N 261 
GLU HE2  H  N N 262 
GLU HXT  H  N N 263 
GLY N    N  N N 264 
GLY CA   C  N N 265 
GLY C    C  N N 266 
GLY O    O  N N 267 
GLY OXT  O  N N 268 
GLY H    H  N N 269 
GLY H2   H  N N 270 
GLY HA2  H  N N 271 
GLY HA3  H  N N 272 
GLY HXT  H  N N 273 
HOH O    O  N N 274 
HOH H1   H  N N 275 
HOH H2   H  N N 276 
ILE N    N  N N 277 
ILE CA   C  N S 278 
ILE C    C  N N 279 
ILE O    O  N N 280 
ILE CB   C  N S 281 
ILE CG1  C  N N 282 
ILE CG2  C  N N 283 
ILE CD1  C  N N 284 
ILE OXT  O  N N 285 
ILE H    H  N N 286 
ILE H2   H  N N 287 
ILE HA   H  N N 288 
ILE HB   H  N N 289 
ILE HG12 H  N N 290 
ILE HG13 H  N N 291 
ILE HG21 H  N N 292 
ILE HG22 H  N N 293 
ILE HG23 H  N N 294 
ILE HD11 H  N N 295 
ILE HD12 H  N N 296 
ILE HD13 H  N N 297 
ILE HXT  H  N N 298 
LEU N    N  N N 299 
LEU CA   C  N S 300 
LEU C    C  N N 301 
LEU O    O  N N 302 
LEU CB   C  N N 303 
LEU CG   C  N N 304 
LEU CD1  C  N N 305 
LEU CD2  C  N N 306 
LEU OXT  O  N N 307 
LEU H    H  N N 308 
LEU H2   H  N N 309 
LEU HA   H  N N 310 
LEU HB2  H  N N 311 
LEU HB3  H  N N 312 
LEU HG   H  N N 313 
LEU HD11 H  N N 314 
LEU HD12 H  N N 315 
LEU HD13 H  N N 316 
LEU HD21 H  N N 317 
LEU HD22 H  N N 318 
LEU HD23 H  N N 319 
LEU HXT  H  N N 320 
LYS N    N  N N 321 
LYS CA   C  N S 322 
LYS C    C  N N 323 
LYS O    O  N N 324 
LYS CB   C  N N 325 
LYS CG   C  N N 326 
LYS CD   C  N N 327 
LYS CE   C  N N 328 
LYS NZ   N  N N 329 
LYS OXT  O  N N 330 
LYS H    H  N N 331 
LYS H2   H  N N 332 
LYS HA   H  N N 333 
LYS HB2  H  N N 334 
LYS HB3  H  N N 335 
LYS HG2  H  N N 336 
LYS HG3  H  N N 337 
LYS HD2  H  N N 338 
LYS HD3  H  N N 339 
LYS HE2  H  N N 340 
LYS HE3  H  N N 341 
LYS HZ1  H  N N 342 
LYS HZ2  H  N N 343 
LYS HZ3  H  N N 344 
LYS HXT  H  N N 345 
MET N    N  N N 346 
MET CA   C  N S 347 
MET C    C  N N 348 
MET O    O  N N 349 
MET CB   C  N N 350 
MET CG   C  N N 351 
MET SD   S  N N 352 
MET CE   C  N N 353 
MET OXT  O  N N 354 
MET H    H  N N 355 
MET H2   H  N N 356 
MET HA   H  N N 357 
MET HB2  H  N N 358 
MET HB3  H  N N 359 
MET HG2  H  N N 360 
MET HG3  H  N N 361 
MET HE1  H  N N 362 
MET HE2  H  N N 363 
MET HE3  H  N N 364 
MET HXT  H  N N 365 
SER N    N  N N 366 
SER CA   C  N S 367 
SER C    C  N N 368 
SER O    O  N N 369 
SER CB   C  N N 370 
SER OG   O  N N 371 
SER OXT  O  N N 372 
SER H    H  N N 373 
SER H2   H  N N 374 
SER HA   H  N N 375 
SER HB2  H  N N 376 
SER HB3  H  N N 377 
SER HG   H  N N 378 
SER HXT  H  N N 379 
THR N    N  N N 380 
THR CA   C  N S 381 
THR C    C  N N 382 
THR O    O  N N 383 
THR CB   C  N R 384 
THR OG1  O  N N 385 
THR CG2  C  N N 386 
THR OXT  O  N N 387 
THR H    H  N N 388 
THR H2   H  N N 389 
THR HA   H  N N 390 
THR HB   H  N N 391 
THR HG1  H  N N 392 
THR HG21 H  N N 393 
THR HG22 H  N N 394 
THR HG23 H  N N 395 
THR HXT  H  N N 396 
TRP N    N  N N 397 
TRP CA   C  N S 398 
TRP C    C  N N 399 
TRP O    O  N N 400 
TRP CB   C  N N 401 
TRP CG   C  Y N 402 
TRP CD1  C  Y N 403 
TRP CD2  C  Y N 404 
TRP NE1  N  Y N 405 
TRP CE2  C  Y N 406 
TRP CE3  C  Y N 407 
TRP CZ2  C  Y N 408 
TRP CZ3  C  Y N 409 
TRP CH2  C  Y N 410 
TRP OXT  O  N N 411 
TRP H    H  N N 412 
TRP H2   H  N N 413 
TRP HA   H  N N 414 
TRP HB2  H  N N 415 
TRP HB3  H  N N 416 
TRP HD1  H  N N 417 
TRP HE1  H  N N 418 
TRP HE3  H  N N 419 
TRP HZ2  H  N N 420 
TRP HZ3  H  N N 421 
TRP HH2  H  N N 422 
TRP HXT  H  N N 423 
VAL N    N  N N 424 
VAL CA   C  N S 425 
VAL C    C  N N 426 
VAL O    O  N N 427 
VAL CB   C  N N 428 
VAL CG1  C  N N 429 
VAL CG2  C  N N 430 
VAL OXT  O  N N 431 
VAL H    H  N N 432 
VAL H2   H  N N 433 
VAL HA   H  N N 434 
VAL HB   H  N N 435 
VAL HG11 H  N N 436 
VAL HG12 H  N N 437 
VAL HG13 H  N N 438 
VAL HG21 H  N N 439 
VAL HG22 H  N N 440 
VAL HG23 H  N N 441 
VAL HXT  H  N N 442 
# 
loop_
_chem_comp_bond.comp_id 
_chem_comp_bond.atom_id_1 
_chem_comp_bond.atom_id_2 
_chem_comp_bond.value_order 
_chem_comp_bond.pdbx_aromatic_flag 
_chem_comp_bond.pdbx_stereo_config 
_chem_comp_bond.pdbx_ordinal 
ACE C   O    doub N N 1   
ACE C   CH3  sing N N 2   
ACE C   H    sing N N 3   
ACE CH3 H1   sing N N 4   
ACE CH3 H2   sing N N 5   
ACE CH3 H3   sing N N 6   
ALA N   CA   sing N N 7   
ALA N   H    sing N N 8   
ALA N   H2   sing N N 9   
ALA CA  C    sing N N 10  
ALA CA  CB   sing N N 11  
ALA CA  HA   sing N N 12  
ALA C   O    doub N N 13  
ALA C   OXT  sing N N 14  
ALA CB  HB1  sing N N 15  
ALA CB  HB2  sing N N 16  
ALA CB  HB3  sing N N 17  
ALA OXT HXT  sing N N 18  
ARG N   CA   sing N N 19  
ARG N   H    sing N N 20  
ARG N   H2   sing N N 21  
ARG CA  C    sing N N 22  
ARG CA  CB   sing N N 23  
ARG CA  HA   sing N N 24  
ARG C   O    doub N N 25  
ARG C   OXT  sing N N 26  
ARG CB  CG   sing N N 27  
ARG CB  HB2  sing N N 28  
ARG CB  HB3  sing N N 29  
ARG CG  CD   sing N N 30  
ARG CG  HG2  sing N N 31  
ARG CG  HG3  sing N N 32  
ARG CD  NE   sing N N 33  
ARG CD  HD2  sing N N 34  
ARG CD  HD3  sing N N 35  
ARG NE  CZ   sing N N 36  
ARG NE  HE   sing N N 37  
ARG CZ  NH1  sing N N 38  
ARG CZ  NH2  doub N N 39  
ARG NH1 HH11 sing N N 40  
ARG NH1 HH12 sing N N 41  
ARG NH2 HH21 sing N N 42  
ARG NH2 HH22 sing N N 43  
ARG OXT HXT  sing N N 44  
ASN N   CA   sing N N 45  
ASN N   H    sing N N 46  
ASN N   H2   sing N N 47  
ASN CA  C    sing N N 48  
ASN CA  CB   sing N N 49  
ASN CA  HA   sing N N 50  
ASN C   O    doub N N 51  
ASN C   OXT  sing N N 52  
ASN CB  CG   sing N N 53  
ASN CB  HB2  sing N N 54  
ASN CB  HB3  sing N N 55  
ASN CG  OD1  doub N N 56  
ASN CG  ND2  sing N N 57  
ASN ND2 HD21 sing N N 58  
ASN ND2 HD22 sing N N 59  
ASN OXT HXT  sing N N 60  
ASP N   CA   sing N N 61  
ASP N   H    sing N N 62  
ASP N   H2   sing N N 63  
ASP CA  C    sing N N 64  
ASP CA  CB   sing N N 65  
ASP CA  HA   sing N N 66  
ASP C   O    doub N N 67  
ASP C   OXT  sing N N 68  
ASP CB  CG   sing N N 69  
ASP CB  HB2  sing N N 70  
ASP CB  HB3  sing N N 71  
ASP CG  OD1  doub N N 72  
ASP CG  OD2  sing N N 73  
ASP OD2 HD2  sing N N 74  
ASP OXT HXT  sing N N 75  
DAL N   CA   sing N N 76  
DAL N   H    sing N N 77  
DAL N   H2   sing N N 78  
DAL CA  CB   sing N N 79  
DAL CA  C    sing N N 80  
DAL CA  HA   sing N N 81  
DAL CB  HB1  sing N N 82  
DAL CB  HB2  sing N N 83  
DAL CB  HB3  sing N N 84  
DAL C   O    doub N N 85  
DAL C   OXT  sing N N 86  
DAL OXT HXT  sing N N 87  
DAR N   CA   sing N N 88  
DAR N   H    sing N N 89  
DAR N   H2   sing N N 90  
DAR CA  CB   sing N N 91  
DAR CA  C    sing N N 92  
DAR CA  HA   sing N N 93  
DAR CB  CG   sing N N 94  
DAR CB  HB2  sing N N 95  
DAR CB  HB3  sing N N 96  
DAR CG  CD   sing N N 97  
DAR CG  HG2  sing N N 98  
DAR CG  HG3  sing N N 99  
DAR CD  NE   sing N N 100 
DAR CD  HD2  sing N N 101 
DAR CD  HD3  sing N N 102 
DAR NE  CZ   sing N N 103 
DAR NE  HE   sing N N 104 
DAR CZ  NH1  sing N N 105 
DAR CZ  NH2  doub N N 106 
DAR NH1 HH11 sing N N 107 
DAR NH1 HH12 sing N N 108 
DAR NH2 HH21 sing N N 109 
DAR NH2 HH22 sing N N 110 
DAR C   O    doub N N 111 
DAR C   OXT  sing N N 112 
DAR OXT HXT  sing N N 113 
DCY N   CA   sing N N 114 
DCY N   H    sing N N 115 
DCY N   H2   sing N N 116 
DCY CA  C    sing N N 117 
DCY CA  CB   sing N N 118 
DCY CA  HA   sing N N 119 
DCY C   O    doub N N 120 
DCY C   OXT  sing N N 121 
DCY CB  SG   sing N N 122 
DCY CB  HB2  sing N N 123 
DCY CB  HB3  sing N N 124 
DCY SG  HG   sing N N 125 
DCY OXT HXT  sing N N 126 
DGL N   CA   sing N N 127 
DGL N   H    sing N N 128 
DGL N   H2   sing N N 129 
DGL CA  C    sing N N 130 
DGL CA  CB   sing N N 131 
DGL CA  HA   sing N N 132 
DGL C   O    doub N N 133 
DGL C   OXT  sing N N 134 
DGL CB  CG   sing N N 135 
DGL CB  HB2  sing N N 136 
DGL CB  HB3  sing N N 137 
DGL CG  CD   sing N N 138 
DGL CG  HG2  sing N N 139 
DGL CG  HG3  sing N N 140 
DGL CD  OE1  doub N N 141 
DGL CD  OE2  sing N N 142 
DGL OE2 HE2  sing N N 143 
DGL OXT HXT  sing N N 144 
DHI N   CA   sing N N 145 
DHI N   H    sing N N 146 
DHI N   H2   sing N N 147 
DHI CA  C    sing N N 148 
DHI CA  CB   sing N N 149 
DHI CA  HA   sing N N 150 
DHI C   O    doub N N 151 
DHI C   OXT  sing N N 152 
DHI CB  CG   sing N N 153 
DHI CB  HB2  sing N N 154 
DHI CB  HB3  sing N N 155 
DHI CG  ND1  sing Y N 156 
DHI CG  CD2  doub Y N 157 
DHI ND1 CE1  doub Y N 158 
DHI ND1 HD1  sing N N 159 
DHI CD2 NE2  sing Y N 160 
DHI CD2 HD2  sing N N 161 
DHI CE1 NE2  sing Y N 162 
DHI CE1 HE1  sing N N 163 
DHI NE2 HE2  sing N N 164 
DHI OXT HXT  sing N N 165 
DLE N   CA   sing N N 166 
DLE N   H    sing N N 167 
DLE N   H2   sing N N 168 
DLE CA  CB   sing N N 169 
DLE CA  C    sing N N 170 
DLE CA  HA   sing N N 171 
DLE CB  CG   sing N N 172 
DLE CB  HB2  sing N N 173 
DLE CB  HB3  sing N N 174 
DLE CG  CD1  sing N N 175 
DLE CG  CD2  sing N N 176 
DLE CG  HG   sing N N 177 
DLE CD1 HD11 sing N N 178 
DLE CD1 HD12 sing N N 179 
DLE CD1 HD13 sing N N 180 
DLE CD2 HD21 sing N N 181 
DLE CD2 HD22 sing N N 182 
DLE CD2 HD23 sing N N 183 
DLE C   O    doub N N 184 
DLE C   OXT  sing N N 185 
DLE OXT HXT  sing N N 186 
DTR N   CA   sing N N 187 
DTR N   H    sing N N 188 
DTR N   H2   sing N N 189 
DTR CA  CB   sing N N 190 
DTR CA  C    sing N N 191 
DTR CA  HA   sing N N 192 
DTR CB  CG   sing N N 193 
DTR CB  HB2  sing N N 194 
DTR CB  HB3  sing N N 195 
DTR CG  CD1  doub Y N 196 
DTR CG  CD2  sing Y N 197 
DTR CD1 NE1  sing Y N 198 
DTR CD1 HD1  sing N N 199 
DTR NE1 CE2  sing Y N 200 
DTR NE1 HE1  sing N N 201 
DTR CE2 CZ2  doub Y N 202 
DTR CE2 CD2  sing Y N 203 
DTR CZ2 CH2  sing Y N 204 
DTR CZ2 HZ2  sing N N 205 
DTR CH2 CZ3  doub Y N 206 
DTR CH2 HH2  sing N N 207 
DTR CZ3 CE3  sing Y N 208 
DTR CZ3 HZ3  sing N N 209 
DTR CE3 CD2  doub Y N 210 
DTR CE3 HE3  sing N N 211 
DTR C   O    doub N N 212 
DTR C   OXT  sing N N 213 
DTR OXT HXT  sing N N 214 
GLN N   CA   sing N N 215 
GLN N   H    sing N N 216 
GLN N   H2   sing N N 217 
GLN CA  C    sing N N 218 
GLN CA  CB   sing N N 219 
GLN CA  HA   sing N N 220 
GLN C   O    doub N N 221 
GLN C   OXT  sing N N 222 
GLN CB  CG   sing N N 223 
GLN CB  HB2  sing N N 224 
GLN CB  HB3  sing N N 225 
GLN CG  CD   sing N N 226 
GLN CG  HG2  sing N N 227 
GLN CG  HG3  sing N N 228 
GLN CD  OE1  doub N N 229 
GLN CD  NE2  sing N N 230 
GLN NE2 HE21 sing N N 231 
GLN NE2 HE22 sing N N 232 
GLN OXT HXT  sing N N 233 
GLU N   CA   sing N N 234 
GLU N   H    sing N N 235 
GLU N   H2   sing N N 236 
GLU CA  C    sing N N 237 
GLU CA  CB   sing N N 238 
GLU CA  HA   sing N N 239 
GLU C   O    doub N N 240 
GLU C   OXT  sing N N 241 
GLU CB  CG   sing N N 242 
GLU CB  HB2  sing N N 243 
GLU CB  HB3  sing N N 244 
GLU CG  CD   sing N N 245 
GLU CG  HG2  sing N N 246 
GLU CG  HG3  sing N N 247 
GLU CD  OE1  doub N N 248 
GLU CD  OE2  sing N N 249 
GLU OE2 HE2  sing N N 250 
GLU OXT HXT  sing N N 251 
GLY N   CA   sing N N 252 
GLY N   H    sing N N 253 
GLY N   H2   sing N N 254 
GLY CA  C    sing N N 255 
GLY CA  HA2  sing N N 256 
GLY CA  HA3  sing N N 257 
GLY C   O    doub N N 258 
GLY C   OXT  sing N N 259 
GLY OXT HXT  sing N N 260 
HOH O   H1   sing N N 261 
HOH O   H2   sing N N 262 
ILE N   CA   sing N N 263 
ILE N   H    sing N N 264 
ILE N   H2   sing N N 265 
ILE CA  C    sing N N 266 
ILE CA  CB   sing N N 267 
ILE CA  HA   sing N N 268 
ILE C   O    doub N N 269 
ILE C   OXT  sing N N 270 
ILE CB  CG1  sing N N 271 
ILE CB  CG2  sing N N 272 
ILE CB  HB   sing N N 273 
ILE CG1 CD1  sing N N 274 
ILE CG1 HG12 sing N N 275 
ILE CG1 HG13 sing N N 276 
ILE CG2 HG21 sing N N 277 
ILE CG2 HG22 sing N N 278 
ILE CG2 HG23 sing N N 279 
ILE CD1 HD11 sing N N 280 
ILE CD1 HD12 sing N N 281 
ILE CD1 HD13 sing N N 282 
ILE OXT HXT  sing N N 283 
LEU N   CA   sing N N 284 
LEU N   H    sing N N 285 
LEU N   H2   sing N N 286 
LEU CA  C    sing N N 287 
LEU CA  CB   sing N N 288 
LEU CA  HA   sing N N 289 
LEU C   O    doub N N 290 
LEU C   OXT  sing N N 291 
LEU CB  CG   sing N N 292 
LEU CB  HB2  sing N N 293 
LEU CB  HB3  sing N N 294 
LEU CG  CD1  sing N N 295 
LEU CG  CD2  sing N N 296 
LEU CG  HG   sing N N 297 
LEU CD1 HD11 sing N N 298 
LEU CD1 HD12 sing N N 299 
LEU CD1 HD13 sing N N 300 
LEU CD2 HD21 sing N N 301 
LEU CD2 HD22 sing N N 302 
LEU CD2 HD23 sing N N 303 
LEU OXT HXT  sing N N 304 
LYS N   CA   sing N N 305 
LYS N   H    sing N N 306 
LYS N   H2   sing N N 307 
LYS CA  C    sing N N 308 
LYS CA  CB   sing N N 309 
LYS CA  HA   sing N N 310 
LYS C   O    doub N N 311 
LYS C   OXT  sing N N 312 
LYS CB  CG   sing N N 313 
LYS CB  HB2  sing N N 314 
LYS CB  HB3  sing N N 315 
LYS CG  CD   sing N N 316 
LYS CG  HG2  sing N N 317 
LYS CG  HG3  sing N N 318 
LYS CD  CE   sing N N 319 
LYS CD  HD2  sing N N 320 
LYS CD  HD3  sing N N 321 
LYS CE  NZ   sing N N 322 
LYS CE  HE2  sing N N 323 
LYS CE  HE3  sing N N 324 
LYS NZ  HZ1  sing N N 325 
LYS NZ  HZ2  sing N N 326 
LYS NZ  HZ3  sing N N 327 
LYS OXT HXT  sing N N 328 
MET N   CA   sing N N 329 
MET N   H    sing N N 330 
MET N   H2   sing N N 331 
MET CA  C    sing N N 332 
MET CA  CB   sing N N 333 
MET CA  HA   sing N N 334 
MET C   O    doub N N 335 
MET C   OXT  sing N N 336 
MET CB  CG   sing N N 337 
MET CB  HB2  sing N N 338 
MET CB  HB3  sing N N 339 
MET CG  SD   sing N N 340 
MET CG  HG2  sing N N 341 
MET CG  HG3  sing N N 342 
MET SD  CE   sing N N 343 
MET CE  HE1  sing N N 344 
MET CE  HE2  sing N N 345 
MET CE  HE3  sing N N 346 
MET OXT HXT  sing N N 347 
SER N   CA   sing N N 348 
SER N   H    sing N N 349 
SER N   H2   sing N N 350 
SER CA  C    sing N N 351 
SER CA  CB   sing N N 352 
SER CA  HA   sing N N 353 
SER C   O    doub N N 354 
SER C   OXT  sing N N 355 
SER CB  OG   sing N N 356 
SER CB  HB2  sing N N 357 
SER CB  HB3  sing N N 358 
SER OG  HG   sing N N 359 
SER OXT HXT  sing N N 360 
THR N   CA   sing N N 361 
THR N   H    sing N N 362 
THR N   H2   sing N N 363 
THR CA  C    sing N N 364 
THR CA  CB   sing N N 365 
THR CA  HA   sing N N 366 
THR C   O    doub N N 367 
THR C   OXT  sing N N 368 
THR CB  OG1  sing N N 369 
THR CB  CG2  sing N N 370 
THR CB  HB   sing N N 371 
THR OG1 HG1  sing N N 372 
THR CG2 HG21 sing N N 373 
THR CG2 HG22 sing N N 374 
THR CG2 HG23 sing N N 375 
THR OXT HXT  sing N N 376 
TRP N   CA   sing N N 377 
TRP N   H    sing N N 378 
TRP N   H2   sing N N 379 
TRP CA  C    sing N N 380 
TRP CA  CB   sing N N 381 
TRP CA  HA   sing N N 382 
TRP C   O    doub N N 383 
TRP C   OXT  sing N N 384 
TRP CB  CG   sing N N 385 
TRP CB  HB2  sing N N 386 
TRP CB  HB3  sing N N 387 
TRP CG  CD1  doub Y N 388 
TRP CG  CD2  sing Y N 389 
TRP CD1 NE1  sing Y N 390 
TRP CD1 HD1  sing N N 391 
TRP CD2 CE2  doub Y N 392 
TRP CD2 CE3  sing Y N 393 
TRP NE1 CE2  sing Y N 394 
TRP NE1 HE1  sing N N 395 
TRP CE2 CZ2  sing Y N 396 
TRP CE3 CZ3  doub Y N 397 
TRP CE3 HE3  sing N N 398 
TRP CZ2 CH2  doub Y N 399 
TRP CZ2 HZ2  sing N N 400 
TRP CZ3 CH2  sing Y N 401 
TRP CZ3 HZ3  sing N N 402 
TRP CH2 HH2  sing N N 403 
TRP OXT HXT  sing N N 404 
VAL N   CA   sing N N 405 
VAL N   H    sing N N 406 
VAL N   H2   sing N N 407 
VAL CA  C    sing N N 408 
VAL CA  CB   sing N N 409 
VAL CA  HA   sing N N 410 
VAL C   O    doub N N 411 
VAL C   OXT  sing N N 412 
VAL CB  CG1  sing N N 413 
VAL CB  CG2  sing N N 414 
VAL CB  HB   sing N N 415 
VAL CG1 HG11 sing N N 416 
VAL CG1 HG12 sing N N 417 
VAL CG1 HG13 sing N N 418 
VAL CG2 HG21 sing N N 419 
VAL CG2 HG22 sing N N 420 
VAL CG2 HG23 sing N N 421 
VAL OXT HXT  sing N N 422 
# 
_atom_sites.entry_id                    1CZQ 
_atom_sites.fract_transf_matrix[1][1]   0.00321075 
_atom_sites.fract_transf_matrix[1][2]   0.00590924 
_atom_sites.fract_transf_matrix[1][3]   0.02677386 
_atom_sites.fract_transf_matrix[2][1]   -0.01548183 
_atom_sites.fract_transf_matrix[2][2]   -0.01282358 
_atom_sites.fract_transf_matrix[2][3]   0.01891837 
_atom_sites.fract_transf_matrix[3][1]   0.00813086 
_atom_sites.fract_transf_matrix[3][2]   -0.00849031 
_atom_sites.fract_transf_matrix[3][3]   0.00089883 
_atom_sites.fract_transf_vector[1]      0.555995 
_atom_sites.fract_transf_vector[2]      0.128565 
_atom_sites.fract_transf_vector[3]      0.202500 
# 
loop_
_atom_type.symbol 
C  
CL 
N  
O  
S  
# 
loop_
_atom_site.group_PDB 
_atom_site.id 
_atom_site.type_symbol 
_atom_site.label_atom_id 
_atom_site.label_alt_id 
_atom_site.label_comp_id 
_atom_site.label_asym_id 
_atom_site.label_entity_id 
_atom_site.label_seq_id 
_atom_site.pdbx_PDB_ins_code 
_atom_site.Cartn_x 
_atom_site.Cartn_y 
_atom_site.Cartn_z 
_atom_site.occupancy 
_atom_site.B_iso_or_equiv 
_atom_site.pdbx_formal_charge 
_atom_site.auth_seq_id 
_atom_site.auth_comp_id 
_atom_site.auth_asym_id 
_atom_site.auth_atom_id 
_atom_site.pdbx_PDB_model_num 
HETATM 1   C  C   . ACE A 1 1  ? -26.624 29.403  4.485   1.00 54.85 ? 0    ACE A C   1 
HETATM 2   O  O   . ACE A 1 1  ? -27.576 28.627  4.371   1.00 54.90 ? 0    ACE A O   1 
HETATM 3   C  CH3 . ACE A 1 1  ? -26.556 30.639  3.641   1.00 54.89 ? 0    ACE A CH3 1 
ATOM   4   N  N   . ARG A 1 2  ? -25.622 29.203  5.341   1.00 54.75 ? 1    ARG A N   1 
ATOM   5   C  CA  . ARG A 1 2  ? -25.556 28.037  6.221   1.00 54.58 ? 1    ARG A CA  1 
ATOM   6   C  C   . ARG A 1 2  ? -25.211 26.769  5.437   1.00 54.54 ? 1    ARG A C   1 
ATOM   7   O  O   . ARG A 1 2  ? -24.335 25.998  5.831   1.00 54.51 ? 1    ARG A O   1 
ATOM   8   C  CB  . ARG A 1 2  ? -26.892 27.837  6.946   1.00 54.54 ? 1    ARG A CB  1 
ATOM   9   C  CG  . ARG A 1 2  ? -26.874 26.749  8.006   1.00 54.10 ? 1    ARG A CG  1 
ATOM   10  C  CD  . ARG A 1 2  ? -28.229 26.621  8.700   1.00 54.18 ? 1    ARG A CD  1 
ATOM   11  N  NE  . ARG A 1 2  ? -28.154 25.833  9.932   1.00 54.02 ? 1    ARG A NE  1 
ATOM   12  C  CZ  . ARG A 1 2  ? -27.548 26.231  11.051  1.00 54.03 ? 1    ARG A CZ  1 
ATOM   13  N  NH1 . ARG A 1 2  ? -26.957 27.417  11.110  1.00 53.79 ? 1    ARG A NH1 1 
ATOM   14  N  NH2 . ARG A 1 2  ? -27.532 25.438  12.120  1.00 53.77 ? 1    ARG A NH2 1 
ATOM   15  N  N   . MET A 1 3  ? -25.901 26.555  4.321   1.00 54.42 ? 2    MET A N   1 
ATOM   16  C  CA  . MET A 1 3  ? -25.649 25.371  3.523   1.00 54.44 ? 2    MET A CA  1 
ATOM   17  C  C   . MET A 1 3  ? -24.339 25.490  2.764   1.00 54.51 ? 2    MET A C   1 
ATOM   18  O  O   . MET A 1 3  ? -23.721 24.482  2.423   1.00 54.42 ? 2    MET A O   1 
ATOM   19  C  CB  . MET A 1 3  ? -26.821 25.101  2.564   1.00 54.68 ? 2    MET A CB  1 
ATOM   20  C  CG  . MET A 1 3  ? -27.090 26.172  1.523   1.00 54.76 ? 2    MET A CG  1 
ATOM   21  S  SD  . MET A 1 3  ? -28.738 25.956  0.781   1.00 55.63 ? 2    MET A SD  1 
ATOM   22  C  CE  . MET A 1 3  ? -29.646 27.316  1.552   1.00 55.29 ? 2    MET A CE  1 
ATOM   23  N  N   . LYS A 1 4  ? -23.905 26.722  2.512   1.00 54.34 ? 3    LYS A N   1 
ATOM   24  C  CA  . LYS A 1 4  ? -22.646 26.936  1.805   1.00 54.29 ? 3    LYS A CA  1 
ATOM   25  C  C   . LYS A 1 4  ? -21.557 26.233  2.602   1.00 54.33 ? 3    LYS A C   1 
ATOM   26  O  O   . LYS A 1 4  ? -20.653 25.608  2.036   1.00 54.60 ? 3    LYS A O   1 
ATOM   27  C  CB  . LYS A 1 4  ? -22.344 28.435  1.692   1.00 54.05 ? 3    LYS A CB  1 
ATOM   28  C  CG  . LYS A 1 4  ? -21.009 28.775  1.041   1.00 54.04 ? 3    LYS A CG  1 
ATOM   29  C  CD  . LYS A 1 4  ? -19.850 28.687  2.027   1.00 54.12 ? 3    LYS A CD  1 
ATOM   30  C  CE  . LYS A 1 4  ? -18.551 29.163  1.393   1.00 54.37 ? 3    LYS A CE  1 
ATOM   31  N  NZ  . LYS A 1 4  ? -17.413 29.165  2.361   1.00 53.92 ? 3    LYS A NZ  1 
ATOM   32  N  N   . GLN A 1 5  ? -21.654 26.339  3.924   1.00 53.94 ? 4    GLN A N   1 
ATOM   33  C  CA  . GLN A 1 5  ? -20.699 25.695  4.810   1.00 53.69 ? 4    GLN A CA  1 
ATOM   34  C  C   . GLN A 1 5  ? -20.755 24.192  4.557   1.00 53.19 ? 4    GLN A C   1 
ATOM   35  O  O   . GLN A 1 5  ? -19.730 23.506  4.596   1.00 53.10 ? 4    GLN A O   1 
ATOM   36  C  CB  . GLN A 1 5  ? -21.064 25.977  6.267   1.00 54.21 ? 4    GLN A CB  1 
ATOM   37  C  CG  . GLN A 1 5  ? -19.992 25.578  7.276   1.00 55.15 ? 4    GLN A CG  1 
ATOM   38  C  CD  . GLN A 1 5  ? -20.324 24.309  8.057   1.00 55.56 ? 4    GLN A CD  1 
ATOM   39  O  OE1 . GLN A 1 5  ? -21.386 24.207  8.679   1.00 56.19 ? 4    GLN A OE1 1 
ATOM   40  N  NE2 . GLN A 1 5  ? -19.405 23.342  8.043   1.00 55.66 ? 4    GLN A NE2 1 
ATOM   41  N  N   . ILE A 1 6  ? -21.964 23.692  4.302   1.00 52.58 ? 5    ILE A N   1 
ATOM   42  C  CA  . ILE A 1 6  ? -22.181 22.274  4.047   1.00 51.70 ? 5    ILE A CA  1 
ATOM   43  C  C   . ILE A 1 6  ? -21.393 21.799  2.829   1.00 51.26 ? 5    ILE A C   1 
ATOM   44  O  O   . ILE A 1 6  ? -20.921 20.663  2.785   1.00 51.09 ? 5    ILE A O   1 
ATOM   45  C  CB  . ILE A 1 6  ? -23.691 21.966  3.853   1.00 51.71 ? 5    ILE A CB  1 
ATOM   46  C  CG1 . ILE A 1 6  ? -24.436 22.168  5.176   1.00 51.48 ? 5    ILE A CG1 1 
ATOM   47  C  CG2 . ILE A 1 6  ? -23.884 20.539  3.357   1.00 51.41 ? 5    ILE A CG2 1 
ATOM   48  C  CD1 . ILE A 1 6  ? -25.918 21.814  5.121   1.00 51.33 ? 5    ILE A CD1 1 
ATOM   49  N  N   . GLU A 1 7  ? -21.239 22.678  1.848   1.00 50.54 ? 6    GLU A N   1 
ATOM   50  C  CA  . GLU A 1 7  ? -20.511 22.345  0.633   1.00 50.01 ? 6    GLU A CA  1 
ATOM   51  C  C   . GLU A 1 7  ? -19.016 22.267  0.915   1.00 49.32 ? 6    GLU A C   1 
ATOM   52  O  O   . GLU A 1 7  ? -18.312 21.430  0.347   1.00 49.24 ? 6    GLU A O   1 
ATOM   53  C  CB  . GLU A 1 7  ? -20.787 23.398  -0.435  1.00 50.43 ? 6    GLU A CB  1 
ATOM   54  C  CG  . GLU A 1 7  ? -22.265 23.695  -0.607  1.00 51.26 ? 6    GLU A CG  1 
ATOM   55  C  CD  . GLU A 1 7  ? -22.504 24.919  -1.458  1.00 51.68 ? 6    GLU A CD  1 
ATOM   56  O  OE1 . GLU A 1 7  ? -21.734 25.891  -1.296  1.00 52.29 ? 6    GLU A OE1 1 
ATOM   57  O  OE2 . GLU A 1 7  ? -23.456 24.915  -2.270  1.00 52.25 ? 6    GLU A OE2 1 
ATOM   58  N  N   . ASP A 1 8  ? -18.528 23.138  1.791   1.00 48.32 ? 7    ASP A N   1 
ATOM   59  C  CA  . ASP A 1 8  ? -17.114 23.118  2.121   1.00 47.23 ? 7    ASP A CA  1 
ATOM   60  C  C   . ASP A 1 8  ? -16.752 21.907  2.983   1.00 46.09 ? 7    ASP A C   1 
ATOM   61  O  O   . ASP A 1 8  ? -15.739 21.249  2.726   1.00 45.71 ? 7    ASP A O   1 
ATOM   62  C  CB  . ASP A 1 8  ? -16.703 24.406  2.829   1.00 47.92 ? 7    ASP A CB  1 
ATOM   63  C  CG  . ASP A 1 8  ? -16.910 25.623  1.965   1.00 48.33 ? 7    ASP A CG  1 
ATOM   64  O  OD1 . ASP A 1 8  ? -16.819 25.496  0.722   1.00 48.43 ? 7    ASP A OD1 1 
ATOM   65  O  OD2 . ASP A 1 8  ? -17.150 26.706  2.534   1.00 48.94 ? 7    ASP A OD2 1 
ATOM   66  N  N   . LYS A 1 9  ? -17.570 21.613  3.995   1.00 44.57 ? 8    LYS A N   1 
ATOM   67  C  CA  . LYS A 1 9  ? -17.314 20.461  4.863   1.00 43.01 ? 8    LYS A CA  1 
ATOM   68  C  C   . LYS A 1 9  ? -17.332 19.224  3.974   1.00 41.20 ? 8    LYS A C   1 
ATOM   69  O  O   . LYS A 1 9  ? -16.586 18.267  4.191   1.00 40.61 ? 8    LYS A O   1 
ATOM   70  C  CB  . LYS A 1 9  ? -18.383 20.358  5.965   1.00 43.49 ? 8    LYS A CB  1 
ATOM   71  C  CG  . LYS A 1 9  ? -19.819 20.299  5.447   1.00 44.78 ? 8    LYS A CG  1 
ATOM   72  C  CD  . LYS A 1 9  ? -20.860 20.809  6.472   1.00 45.38 ? 8    LYS A CD  1 
ATOM   73  C  CE  . LYS A 1 9  ? -21.062 19.860  7.655   1.00 45.64 ? 8    LYS A CE  1 
ATOM   74  N  NZ  . LYS A 1 9  ? -22.110 20.347  8.599   1.00 45.55 ? 8    LYS A NZ  1 
ATOM   75  N  N   . ILE A 1 10 ? -18.181 19.253  2.955   1.00 39.40 ? 9    ILE A N   1 
ATOM   76  C  CA  . ILE A 1 10 ? -18.266 18.143  2.022   1.00 37.29 ? 9    ILE A CA  1 
ATOM   77  C  C   . ILE A 1 10 ? -16.991 18.006  1.191   1.00 36.07 ? 9    ILE A C   1 
ATOM   78  O  O   . ILE A 1 10 ? -16.499 16.895  1.012   1.00 34.70 ? 9    ILE A O   1 
ATOM   79  C  CB  . ILE A 1 10 ? -19.497 18.293  1.116   1.00 37.14 ? 9    ILE A CB  1 
ATOM   80  C  CG1 . ILE A 1 10 ? -20.730 17.824  1.897   1.00 36.95 ? 9    ILE A CG1 1 
ATOM   81  C  CG2 . ILE A 1 10 ? -19.325 17.488  -0.176  1.00 37.06 ? 9    ILE A CG2 1 
ATOM   82  C  CD1 . ILE A 1 10 ? -22.052 18.236  1.294   1.00 36.89 ? 9    ILE A CD1 1 
ATOM   83  N  N   . GLU A 1 11 ? -16.452 19.121  0.695   1.00 34.23 ? 10   GLU A N   1 
ATOM   84  C  CA  . GLU A 1 11 ? -15.225 19.083  -0.104  1.00 33.04 ? 10   GLU A CA  1 
ATOM   85  C  C   . GLU A 1 11 ? -14.158 18.543  0.836   1.00 32.53 ? 10   GLU A C   1 
ATOM   86  O  O   . GLU A 1 11 ? -13.234 17.857  0.415   1.00 32.14 ? 10   GLU A O   1 
ATOM   87  C  CB  . GLU A 1 11 ? -14.815 20.492  -0.633  1.00 32.87 ? 10   GLU A CB  1 
ATOM   88  C  CG  . GLU A 1 11 ? -13.488 20.487  -1.459  1.00 33.10 ? 10   GLU A CG  1 
ATOM   89  C  CD  . GLU A 1 11 ? -13.106 21.834  -2.112  1.00 33.56 ? 10   GLU A CD  1 
ATOM   90  O  OE1 . GLU A 1 11 ? -13.965 22.745  -2.162  1.00 34.07 ? 10   GLU A OE1 1 
ATOM   91  O  OE2 . GLU A 1 11 ? -11.944 21.974  -2.595  1.00 32.41 ? 10   GLU A OE2 1 
ATOM   92  N  N   . GLU A 1 12 ? -14.308 18.844  2.119   1.00 31.82 ? 11   GLU A N   1 
ATOM   93  C  CA  . GLU A 1 12 ? -13.344 18.368  3.098   1.00 31.36 ? 11   GLU A CA  1 
ATOM   94  C  C   . GLU A 1 12 ? -13.464 16.855  3.272   1.00 30.15 ? 11   GLU A C   1 
ATOM   95  O  O   . GLU A 1 12 ? -12.454 16.156  3.269   1.00 28.89 ? 11   GLU A O   1 
ATOM   96  C  CB  . GLU A 1 12 ? -13.531 19.051  4.448   1.00 33.18 ? 11   GLU A CB  1 
ATOM   97  C  CG  . GLU A 1 12 ? -12.547 18.558  5.487   1.00 35.22 ? 11   GLU A CG  1 
ATOM   98  C  CD  . GLU A 1 12 ? -11.123 19.063  5.258   1.00 36.93 ? 11   GLU A CD  1 
ATOM   99  O  OE1 . GLU A 1 12 ? -10.639 19.061  4.101   1.00 38.03 ? 11   GLU A OE1 1 
ATOM   100 O  OE2 . GLU A 1 12 ? -10.471 19.454  6.248   1.00 38.85 ? 11   GLU A OE2 1 
ATOM   101 N  N   . ILE A 1 13 ? -14.691 16.352  3.413   1.00 29.09 ? 12   ILE A N   1 
ATOM   102 C  CA  . ILE A 1 13 ? -14.887 14.902  3.574   1.00 28.34 ? 12   ILE A CA  1 
ATOM   103 C  C   . ILE A 1 13 ? -14.362 14.178  2.333   1.00 27.83 ? 12   ILE A C   1 
ATOM   104 O  O   . ILE A 1 13 ? -13.743 13.115  2.445   1.00 26.46 ? 12   ILE A O   1 
ATOM   105 C  CB  . ILE A 1 13 ? -16.390 14.561  3.779   1.00 28.74 ? 12   ILE A CB  1 
ATOM   106 C  CG1 . ILE A 1 13 ? -16.778 14.864  5.226   1.00 28.84 ? 12   ILE A CG1 1 
ATOM   107 C  CG2 . ILE A 1 13 ? -16.663 13.122  3.464   1.00 28.70 ? 12   ILE A CG2 1 
ATOM   108 C  CD1 . ILE A 1 13 ? -18.266 15.112  5.431   1.00 29.69 ? 12   ILE A CD1 1 
ATOM   109 N  N   . GLU A 1 14 ? -14.603 14.742  1.155   1.00 27.40 ? 13   GLU A N   1 
ATOM   110 C  CA  . GLU A 1 14 ? -14.142 14.134  -0.084  1.00 26.92 ? 13   GLU A CA  1 
ATOM   111 C  C   . GLU A 1 14 ? -12.611 14.092  -0.108  1.00 26.36 ? 13   GLU A C   1 
ATOM   112 O  O   . GLU A 1 14 ? -12.013 13.115  -0.570  1.00 25.75 ? 13   GLU A O   1 
ATOM   113 C  CB  . GLU A 1 14 ? -14.705 14.915  -1.297  1.00 28.34 ? 13   GLU A CB  1 
ATOM   114 C  CG  . GLU A 1 14 ? -16.250 14.822  -1.384  1.00 29.72 ? 13   GLU A CG  1 
ATOM   115 C  CD  . GLU A 1 14 ? -16.854 15.637  -2.521  1.00 31.77 ? 13   GLU A CD  1 
ATOM   116 O  OE1 . GLU A 1 14 ? -16.313 16.721  -2.819  1.00 33.64 ? 13   GLU A OE1 1 
ATOM   117 O  OE2 . GLU A 1 14 ? -17.873 15.192  -3.106  1.00 32.24 ? 13   GLU A OE2 1 
ATOM   118 N  N   . SER A 1 15 ? -11.978 15.132  0.414   1.00 26.17 ? 14   SER A N   1 
ATOM   119 C  CA  . SER A 1 15 ? -10.522 15.207  0.434   1.00 26.31 ? 14   SER A CA  1 
ATOM   120 C  C   . SER A 1 15 ? -9.990  14.120  1.350   1.00 25.81 ? 14   SER A C   1 
ATOM   121 O  O   . SER A 1 15 ? -9.028  13.450  0.987   1.00 25.13 ? 14   SER A O   1 
ATOM   122 C  CB  . SER A 1 15 ? -10.047 16.584  0.928   1.00 26.71 ? 14   SER A CB  1 
ATOM   123 O  OG  . SER A 1 15 ? -8.630  16.661  1.040   1.00 30.07 ? 14   SER A OG  1 
ATOM   124 N  N   . LYS A 1 16 ? -10.585 13.970  2.533   1.00 24.70 ? 15   LYS A N   1 
ATOM   125 C  CA  . LYS A 1 16 ? -10.132 12.916  3.463   1.00 25.41 ? 15   LYS A CA  1 
ATOM   126 C  C   . LYS A 1 16 ? -10.388 11.516  2.872   1.00 24.45 ? 15   LYS A C   1 
ATOM   127 O  O   . LYS A 1 16 ? -9.619  10.565  3.115   1.00 24.50 ? 15   LYS A O   1 
ATOM   128 C  CB  . LYS A 1 16 ? -10.841 13.045  4.806   1.00 26.20 ? 15   LYS A CB  1 
ATOM   129 C  CG  . LYS A 1 16 ? -10.326 14.168  5.684   1.00 29.07 ? 15   LYS A CG  1 
ATOM   130 C  CD  . LYS A 1 16 ? -11.128 14.240  6.995   1.00 30.97 ? 15   LYS A CD  1 
ATOM   131 C  CE  . LYS A 1 16 ? -10.635 15.340  7.906   1.00 32.08 ? 15   LYS A CE  1 
ATOM   132 N  NZ  . LYS A 1 16 ? -10.501 16.642  7.198   1.00 34.63 ? 15   LYS A NZ  1 
ATOM   133 N  N   . GLN A 1 17 ? -11.461 11.367  2.115   1.00 24.12 ? 16   GLN A N   1 
ATOM   134 C  CA  . GLN A 1 17 ? -11.770 10.092  1.482   1.00 23.82 ? 16   GLN A CA  1 
ATOM   135 C  C   . GLN A 1 17 ? -10.681 9.730   0.466   1.00 23.67 ? 16   GLN A C   1 
ATOM   136 O  O   . GLN A 1 17 ? -10.228 8.572   0.393   1.00 22.84 ? 16   GLN A O   1 
ATOM   137 C  CB  . GLN A 1 17 ? -13.119 10.213  0.794   1.00 25.71 ? 16   GLN A CB  1 
ATOM   138 C  CG  . GLN A 1 17 ? -13.844 8.940   0.547   1.00 29.64 ? 16   GLN A CG  1 
ATOM   139 C  CD  . GLN A 1 17 ? -15.334 9.198   0.358   1.00 32.26 ? 16   GLN A CD  1 
ATOM   140 O  OE1 . GLN A 1 17 ? -15.732 9.857   -0.588  1.00 34.89 ? 16   GLN A OE1 1 
ATOM   141 N  NE2 . GLN A 1 17 ? -16.162 8.696   1.275   1.00 32.74 ? 16   GLN A NE2 1 
ATOM   142 N  N   . LYS A 1 18 ? -10.255 10.712  -0.319  1.00 22.83 ? 17   LYS A N   1 
ATOM   143 C  CA  . LYS A 1 18 ? -9.210  10.477  -1.312  1.00 22.59 ? 17   LYS A CA  1 
ATOM   144 C  C   . LYS A 1 18 ? -7.919  10.087  -0.581  1.00 22.31 ? 17   LYS A C   1 
ATOM   145 O  O   . LYS A 1 18 ? -7.213  9.177   -1.011  1.00 21.02 ? 17   LYS A O   1 
ATOM   146 C  CB  . LYS A 1 18 ? -8.983  11.746  -2.164  1.00 22.86 ? 17   LYS A CB  1 
ATOM   147 C  CG  . LYS A 1 18 ? -8.094  11.500  -3.378  1.00 26.69 ? 17   LYS A CG  1 
ATOM   148 C  CD  . LYS A 1 18 ? -8.889  10.795  -4.449  1.00 29.27 ? 17   LYS A CD  1 
ATOM   149 C  CE  . LYS A 1 18 ? -8.004  9.994   -5.350  1.00 31.75 ? 17   LYS A CE  1 
ATOM   150 N  NZ  . LYS A 1 18 ? -8.782  9.290   -6.416  1.00 34.25 ? 17   LYS A NZ  1 
ATOM   151 N  N   . LYS A 1 19 ? -7.621  10.745  0.534   1.00 21.81 ? 18   LYS A N   1 
ATOM   152 C  CA  . LYS A 1 19 ? -6.409  10.386  1.277   1.00 21.74 ? 18   LYS A CA  1 
ATOM   153 C  C   . LYS A 1 19 ? -6.506  8.953   1.793   1.00 20.62 ? 18   LYS A C   1 
ATOM   154 O  O   . LYS A 1 19 ? -5.516  8.234   1.768   1.00 19.85 ? 18   LYS A O   1 
ATOM   155 C  CB  . LYS A 1 19 ? -6.166  11.312  2.451   1.00 24.04 ? 18   LYS A CB  1 
ATOM   156 C  CG  . LYS A 1 19 ? -5.559  12.635  2.066   1.00 27.30 ? 18   LYS A CG  1 
ATOM   157 C  CD  . LYS A 1 19 ? -5.529  13.537  3.272   1.00 29.23 ? 18   LYS A CD  1 
ATOM   158 C  CE  . LYS A 1 19 ? -5.209  14.966  2.868   1.00 30.50 ? 18   LYS A CE  1 
ATOM   159 N  NZ  . LYS A 1 19 ? -5.221  15.849  4.067   1.00 33.57 ? 18   LYS A NZ  1 
ATOM   160 N  N   . ILE A 1 20 ? -7.693  8.544   2.230   1.00 19.99 ? 19   ILE A N   1 
ATOM   161 C  CA  . ILE A 1 20 ? -7.896  7.191   2.759   1.00 19.98 ? 19   ILE A CA  1 
ATOM   162 C  C   . ILE A 1 20 ? -7.717  6.193   1.623   1.00 20.44 ? 19   ILE A C   1 
ATOM   163 O  O   . ILE A 1 20 ? -7.061  5.148   1.789   1.00 20.23 ? 19   ILE A O   1 
ATOM   164 C  CB  . ILE A 1 20 ? -9.318  7.074   3.398   1.00 20.09 ? 19   ILE A CB  1 
ATOM   165 C  CG1 . ILE A 1 20 ? -9.332  7.828   4.734   1.00 21.49 ? 19   ILE A CG1 1 
ATOM   166 C  CG2 . ILE A 1 20 ? -9.750  5.609   3.537   1.00 20.80 ? 19   ILE A CG2 1 
ATOM   167 C  CD1 . ILE A 1 20 ? -10.735 8.161   5.265   1.00 21.18 ? 19   ILE A CD1 1 
ATOM   168 N  N   . GLU A 1 21 ? -8.252  6.502   0.443   1.00 20.24 ? 20   GLU A N   1 
ATOM   169 C  CA  . GLU A 1 21 ? -8.120  5.583   -0.684  1.00 20.43 ? 20   GLU A CA  1 
ATOM   170 C  C   . GLU A 1 21 ? -6.658  5.450   -1.095  1.00 20.88 ? 20   GLU A C   1 
ATOM   171 O  O   . GLU A 1 21 ? -6.213  4.354   -1.448  1.00 20.23 ? 20   GLU A O   1 
ATOM   172 C  CB  . GLU A 1 21 ? -8.981  6.049   -1.862  1.00 22.94 ? 20   GLU A CB  1 
ATOM   173 C  CG  . GLU A 1 21 ? -10.465 6.029   -1.539  1.00 25.51 ? 20   GLU A CG  1 
ATOM   174 C  CD  . GLU A 1 21 ? -11.308 6.665   -2.619  1.00 29.04 ? 20   GLU A CD  1 
ATOM   175 O  OE1 . GLU A 1 21 ? -10.738 7.402   -3.455  1.00 30.40 ? 20   GLU A OE1 1 
ATOM   176 O  OE2 . GLU A 1 21 ? -12.539 6.439   -2.622  1.00 30.73 ? 20   GLU A OE2 1 
ATOM   177 N  N   . ASN A 1 22 ? -5.902  6.533   -1.040  1.00 20.53 ? 21   ASN A N   1 
ATOM   178 C  CA  . ASN A 1 22 ? -4.486  6.453   -1.406  1.00 21.87 ? 21   ASN A CA  1 
ATOM   179 C  C   . ASN A 1 22 ? -3.707  5.642   -0.382  1.00 21.75 ? 21   ASN A C   1 
ATOM   180 O  O   . ASN A 1 22 ? -2.792  4.887   -0.743  1.00 21.80 ? 21   ASN A O   1 
ATOM   181 C  CB  . ASN A 1 22 ? -3.891  7.850   -1.570  1.00 24.15 ? 21   ASN A CB  1 
ATOM   182 C  CG  . ASN A 1 22 ? -4.311  8.485   -2.887  1.00 25.28 ? 21   ASN A CG  1 
ATOM   183 O  OD1 . ASN A 1 22 ? -4.606  7.785   -3.858  1.00 28.26 ? 21   ASN A OD1 1 
ATOM   184 N  ND2 . ASN A 1 22 ? -4.374  9.813   -2.922  1.00 26.78 ? 21   ASN A ND2 1 
ATOM   185 N  N   . GLU A 1 23 ? -4.060  5.790   0.888   1.00 20.99 ? 22   GLU A N   1 
ATOM   186 C  CA  . GLU A 1 23 ? -3.386  5.025   1.934   1.00 20.36 ? 22   GLU A CA  1 
ATOM   187 C  C   . GLU A 1 23 ? -3.724  3.546   1.744   1.00 19.79 ? 22   GLU A C   1 
ATOM   188 O  O   . GLU A 1 23 ? -2.823  2.672   1.845   1.00 18.87 ? 22   GLU A O   1 
ATOM   189 C  CB  . GLU A 1 23 ? -3.823  5.509   3.318   1.00 22.89 ? 22   GLU A CB  1 
ATOM   190 C  CG  . GLU A 1 23 ? -3.055  4.872   4.467   1.00 25.86 ? 22   GLU A CG  1 
ATOM   191 C  CD  . GLU A 1 23 ? -1.543  4.939   4.292   1.00 27.97 ? 22   GLU A CD  1 
ATOM   192 O  OE1 . GLU A 1 23 ? -1.000  6.037   4.004   1.00 30.05 ? 22   GLU A OE1 1 
ATOM   193 O  OE2 . GLU A 1 23 ? -0.889  3.865   4.451   1.00 31.29 ? 22   GLU A OE2 1 
ATOM   194 N  N   . ILE A 1 24 ? -4.989  3.233   1.456   1.00 18.92 ? 23   ILE A N   1 
ATOM   195 C  CA  . ILE A 1 24 ? -5.364  1.829   1.246   1.00 18.60 ? 23   ILE A CA  1 
ATOM   196 C  C   . ILE A 1 24 ? -4.580  1.255   0.064   1.00 19.09 ? 23   ILE A C   1 
ATOM   197 O  O   . ILE A 1 24 ? -4.134  0.101   0.112   1.00 18.74 ? 23   ILE A O   1 
ATOM   198 C  CB  . ILE A 1 24 ? -6.896  1.737   0.978   1.00 18.79 ? 23   ILE A CB  1 
ATOM   199 C  CG1 . ILE A 1 24 ? -7.616  1.940   2.292   1.00 20.45 ? 23   ILE A CG1 1 
ATOM   200 C  CG2 . ILE A 1 24 ? -7.282  0.413   0.314   1.00 20.11 ? 23   ILE A CG2 1 
ATOM   201 C  CD1 . ILE A 1 24 ? -9.079  2.137   2.140   1.00 22.51 ? 23   ILE A CD1 1 
ATOM   202 N  N   . ALA A 1 25 ? -4.367  2.043   -0.990  1.00 18.44 ? 24   ALA A N   1 
ATOM   203 C  CA  . ALA A 1 25 ? -3.617  1.525   -2.131  1.00 18.86 ? 24   ALA A CA  1 
ATOM   204 C  C   . ALA A 1 25 ? -2.181  1.215   -1.722  1.00 18.66 ? 24   ALA A C   1 
ATOM   205 O  O   . ALA A 1 25 ? -1.610  0.196   -2.193  1.00 19.32 ? 24   ALA A O   1 
ATOM   206 C  CB  . ALA A 1 25 ? -3.646  2.551   -3.298  1.00 19.39 ? 24   ALA A CB  1 
ATOM   207 N  N   . ARG A 1 26 ? -1.595  2.032   -0.846  1.00 18.57 ? 25   ARG A N   1 
ATOM   208 C  CA  . ARG A 1 26 ? -0.207  1.796   -0.397  1.00 19.19 ? 25   ARG A CA  1 
ATOM   209 C  C   . ARG A 1 26 ? -0.167  0.517   0.449   1.00 18.69 ? 25   ARG A C   1 
ATOM   210 O  O   . ARG A 1 26 ? 0.735   -0.327  0.285   1.00 17.93 ? 25   ARG A O   1 
ATOM   211 C  CB  . ARG A 1 26 ? 0.344   2.993   0.392   1.00 20.85 ? 25   ARG A CB  1 
ATOM   212 C  CG  . ARG A 1 26 ? 0.721   4.174   -0.518  1.00 23.87 ? 25   ARG A CG  1 
ATOM   213 C  CD  . ARG A 1 26 ? 1.478   5.252   0.216   1.00 25.32 ? 25   ARG A CD  1 
ATOM   214 N  NE  . ARG A 1 26 ? 0.625   5.994   1.126   1.00 27.13 ? 25   ARG A NE  1 
ATOM   215 C  CZ  . ARG A 1 26 ? -0.158  7.014   0.776   1.00 27.60 ? 25   ARG A CZ  1 
ATOM   216 N  NH1 . ARG A 1 26 ? -0.202  7.440   -0.489  1.00 28.92 ? 25   ARG A NH1 1 
ATOM   217 N  NH2 . ARG A 1 26 ? -0.907  7.590   1.701   1.00 27.79 ? 25   ARG A NH2 1 
ATOM   218 N  N   . ILE A 1 27 ? -1.144  0.371   1.334   1.00 17.83 ? 26   ILE A N   1 
ATOM   219 C  CA  . ILE A 1 27 ? -1.222  -0.805  2.197   1.00 16.94 ? 26   ILE A CA  1 
ATOM   220 C  C   . ILE A 1 27 ? -1.330  -2.075  1.363   1.00 18.02 ? 26   ILE A C   1 
ATOM   221 O  O   . ILE A 1 27 ? -0.660  -3.068  1.645   1.00 17.73 ? 26   ILE A O   1 
ATOM   222 C  CB  . ILE A 1 27 ? -2.432  -0.678  3.127   1.00 17.99 ? 26   ILE A CB  1 
ATOM   223 C  CG1 . ILE A 1 27 ? -2.095  0.353   4.186   1.00 19.88 ? 26   ILE A CG1 1 
ATOM   224 C  CG2 . ILE A 1 27 ? -2.796  -2.046  3.743   1.00 19.34 ? 26   ILE A CG2 1 
ATOM   225 C  CD1 . ILE A 1 27 ? -3.277  0.805   5.057   1.00 21.83 ? 26   ILE A CD1 1 
ATOM   226 N  N   . LYS A 1 28 ? -2.174  -2.067  0.339   1.00 17.60 ? 27   LYS A N   1 
ATOM   227 C  CA  . LYS A 1 28 ? -2.352  -3.247  -0.507  1.00 17.90 ? 27   LYS A CA  1 
ATOM   228 C  C   . LYS A 1 28 ? -1.056  -3.631  -1.224  1.00 18.17 ? 27   LYS A C   1 
ATOM   229 O  O   . LYS A 1 28 ? -0.755  -4.806  -1.350  1.00 18.33 ? 27   LYS A O   1 
ATOM   230 C  CB  . LYS A 1 28 ? -3.507  -3.003  -1.496  1.00 19.01 ? 27   LYS A CB  1 
ATOM   231 C  CG  . LYS A 1 28 ? -4.859  -2.932  -0.780  1.00 22.27 ? 27   LYS A CG  1 
ATOM   232 C  CD  . LYS A 1 28 ? -5.990  -2.498  -1.741  1.00 24.03 ? 27   LYS A CD  1 
ATOM   233 C  CE  . LYS A 1 28 ? -6.148  -3.403  -2.951  1.00 24.41 ? 27   LYS A CE  1 
ATOM   234 N  NZ  . LYS A 1 28 ? -6.746  -4.705  -2.595  1.00 27.04 ? 27   LYS A NZ  1 
ATOM   235 N  N   . LYS A 1 29 ? -0.266  -2.652  -1.667  1.00 17.00 ? 28   LYS A N   1 
ATOM   236 C  CA  . LYS A 1 29 ? 0.973   -2.948  -2.355  1.00 17.21 ? 28   LYS A CA  1 
ATOM   237 C  C   . LYS A 1 29 ? 1.980   -3.584  -1.394  1.00 17.36 ? 28   LYS A C   1 
ATOM   238 O  O   . LYS A 1 29 ? 2.674   -4.555  -1.762  1.00 17.54 ? 28   LYS A O   1 
ATOM   239 C  CB  . LYS A 1 29 ? 1.556   -1.671  -3.003  1.00 18.92 ? 28   LYS A CB  1 
ATOM   240 C  CG  . LYS A 1 29 ? 0.680   -1.159  -4.133  1.00 24.56 ? 28   LYS A CG  1 
ATOM   241 C  CD  . LYS A 1 29 ? 1.148   0.206   -4.649  1.00 26.88 ? 28   LYS A CD  1 
ATOM   242 C  CE  . LYS A 1 29 ? 0.115   0.786   -5.627  1.00 28.84 ? 28   LYS A CE  1 
ATOM   243 N  NZ  . LYS A 1 29 ? 0.542   2.047   -6.333  1.00 31.36 ? 28   LYS A NZ  1 
ATOM   244 N  N   . LEU A 1 30 ? 2.041   -3.086  -0.163  1.00 16.84 ? 29   LEU A N   1 
ATOM   245 C  CA  . LEU A 1 30 ? 2.977   -3.640  0.810   1.00 16.41 ? 29   LEU A CA  1 
ATOM   246 C  C   . LEU A 1 30 ? 2.502   -5.014  1.234   1.00 16.92 ? 29   LEU A C   1 
ATOM   247 O  O   . LEU A 1 30 ? 3.326   -5.949  1.383   1.00 16.36 ? 29   LEU A O   1 
ATOM   248 C  CB  . LEU A 1 30 ? 3.152   -2.707  2.017   1.00 16.26 ? 29   LEU A CB  1 
ATOM   249 C  CG  . LEU A 1 30 ? 4.040   -3.212  3.158   1.00 16.76 ? 29   LEU A CG  1 
ATOM   250 C  CD1 . LEU A 1 30 ? 5.397   -3.617  2.605   1.00 16.47 ? 29   LEU A CD1 1 
ATOM   251 C  CD2 . LEU A 1 30 ? 4.161   -2.108  4.229   1.00 17.67 ? 29   LEU A CD2 1 
ATOM   252 N  N   . LEU A 1 31 ? 1.183   -5.170  1.383   1.00 15.57 ? 30   LEU A N   1 
ATOM   253 C  CA  . LEU A 1 31 ? 0.652   -6.475  1.780   1.00 15.77 ? 30   LEU A CA  1 
ATOM   254 C  C   . LEU A 1 31 ? 0.971   -7.485  0.696   1.00 16.42 ? 30   LEU A C   1 
ATOM   255 O  O   . LEU A 1 31 ? 1.347   -8.634  1.009   1.00 17.55 ? 30   LEU A O   1 
ATOM   256 C  CB  . LEU A 1 31 ? -0.866  -6.335  2.065   1.00 15.65 ? 30   LEU A CB  1 
ATOM   257 C  CG  . LEU A 1 31 ? -1.622  -7.569  2.476   1.00 17.55 ? 30   LEU A CG  1 
ATOM   258 C  CD1 . LEU A 1 31 ? -0.936  -8.211  3.659   1.00 16.71 ? 30   LEU A CD1 1 
ATOM   259 C  CD2 . LEU A 1 31 ? -3.053  -7.102  2.821   1.00 18.10 ? 30   LEU A CD2 1 
ATOM   260 N  N   . GLN A 1 32 ? 0.899   -7.097  -0.579  1.00 16.79 ? 31   GLN A N   1 
ATOM   261 C  CA  . GLN A 1 32 ? 1.248   -8.027  -1.638  1.00 18.13 ? 31   GLN A CA  1 
ATOM   262 C  C   . GLN A 1 32 ? 2.726   -8.434  -1.588  1.00 17.24 ? 31   GLN A C   1 
ATOM   263 O  O   . GLN A 1 32 ? 3.057   -9.580  -1.899  1.00 17.79 ? 31   GLN A O   1 
ATOM   264 C  CB  . GLN A 1 32 ? 0.838   -7.445  -2.996  1.00 21.45 ? 31   GLN A CB  1 
ATOM   265 C  CG  . GLN A 1 32 ? -0.695  -7.468  -3.150  1.00 24.92 ? 31   GLN A CG  1 
ATOM   266 C  CD  . GLN A 1 32 ? -1.316  -8.870  -3.034  1.00 26.81 ? 31   GLN A CD  1 
ATOM   267 O  OE1 . GLN A 1 32 ? -2.459  -9.031  -2.587  1.00 28.75 ? 31   GLN A OE1 1 
ATOM   268 N  NE2 . GLN A 1 32 ? -0.565  -9.894  -3.448  1.00 29.86 ? 31   GLN A NE2 1 
ATOM   269 N  N   . LEU A 1 33 ? 3.615   -7.511  -1.185  1.00 15.77 ? 32   LEU A N   1 
ATOM   270 C  CA  . LEU A 1 33 ? 5.031   -7.838  -1.053  1.00 14.63 ? 32   LEU A CA  1 
ATOM   271 C  C   . LEU A 1 33 ? 5.207   -8.843  0.073   1.00 13.68 ? 32   LEU A C   1 
ATOM   272 O  O   . LEU A 1 33 ? 6.027   -9.761  -0.055  1.00 13.31 ? 32   LEU A O   1 
ATOM   273 C  CB  . LEU A 1 33 ? 5.857   -6.600  -0.739  1.00 16.13 ? 32   LEU A CB  1 
ATOM   274 C  CG  . LEU A 1 33 ? 6.043   -5.665  -1.935  1.00 18.58 ? 32   LEU A CG  1 
ATOM   275 C  CD1 . LEU A 1 33 ? 6.623   -4.359  -1.469  1.00 20.70 ? 32   LEU A CD1 1 
ATOM   276 C  CD2 . LEU A 1 33 ? 6.941   -6.356  -2.947  1.00 22.17 ? 32   LEU A CD2 1 
ATOM   277 N  N   . THR A 1 34 ? 4.463   -8.689  1.168   1.00 13.42 ? 33   THR A N   1 
ATOM   278 C  CA  . THR A 1 34 ? 4.641   -9.654  2.250   1.00 12.96 ? 33   THR A CA  1 
ATOM   279 C  C   . THR A 1 34 ? 4.135   -11.036 1.864   1.00 13.65 ? 33   THR A C   1 
ATOM   280 O  O   . THR A 1 34 ? 4.717   -12.058 2.271   1.00 12.67 ? 33   THR A O   1 
ATOM   281 C  CB  . THR A 1 34 ? 3.989   -9.196  3.563   1.00 13.48 ? 33   THR A CB  1 
ATOM   282 O  OG1 . THR A 1 34 ? 2.573   -9.061  3.388   1.00 15.60 ? 33   THR A OG1 1 
ATOM   283 C  CG2 . THR A 1 34 ? 4.631   -7.886  4.063   1.00 15.01 ? 33   THR A CG2 1 
ATOM   284 N  N   . VAL A 1 35 ? 3.052   -11.085 1.084   1.00 13.20 ? 34   VAL A N   1 
ATOM   285 C  CA  . VAL A 1 35 ? 2.523   -12.359 0.622   1.00 13.88 ? 34   VAL A CA  1 
ATOM   286 C  C   . VAL A 1 35 ? 3.612   -13.043 -0.240  1.00 12.55 ? 34   VAL A C   1 
ATOM   287 O  O   . VAL A 1 35 ? 3.938   -14.225 -0.060  1.00 13.43 ? 34   VAL A O   1 
ATOM   288 C  CB  . VAL A 1 35 ? 1.220   -12.180 -0.195  1.00 14.31 ? 34   VAL A CB  1 
ATOM   289 C  CG1 . VAL A 1 35 ? 0.856   -13.448 -0.895  1.00 15.35 ? 34   VAL A CG1 1 
ATOM   290 C  CG2 . VAL A 1 35 ? 0.093   -11.688 0.704   1.00 15.04 ? 34   VAL A CG2 1 
ATOM   291 N  N   . TRP A 1 36 ? 4.236   -12.285 -1.136  1.00 13.04 ? 35   TRP A N   1 
ATOM   292 C  CA  . TRP A 1 36 ? 5.290   -12.824 -1.982  1.00 13.11 ? 35   TRP A CA  1 
ATOM   293 C  C   . TRP A 1 36 ? 6.485   -13.302 -1.124  1.00 13.13 ? 35   TRP A C   1 
ATOM   294 O  O   . TRP A 1 36 ? 7.074   -14.343 -1.378  1.00 12.76 ? 35   TRP A O   1 
ATOM   295 C  CB  . TRP A 1 36 ? 5.704   -11.715 -2.976  1.00 14.19 ? 35   TRP A CB  1 
ATOM   296 C  CG  . TRP A 1 36 ? 6.863   -12.109 -3.864  1.00 15.43 ? 35   TRP A CG  1 
ATOM   297 C  CD1 . TRP A 1 36 ? 6.790   -12.690 -5.087  1.00 17.15 ? 35   TRP A CD1 1 
ATOM   298 C  CD2 . TRP A 1 36 ? 8.267   -11.925 -3.589  1.00 15.26 ? 35   TRP A CD2 1 
ATOM   299 N  NE1 . TRP A 1 36 ? 8.048   -12.879 -5.611  1.00 17.80 ? 35   TRP A NE1 1 
ATOM   300 C  CE2 . TRP A 1 36 ? 8.981   -12.433 -4.714  1.00 15.57 ? 35   TRP A CE2 1 
ATOM   301 C  CE3 . TRP A 1 36 ? 8.986   -11.403 -2.509  1.00 15.49 ? 35   TRP A CE3 1 
ATOM   302 C  CZ2 . TRP A 1 36 ? 10.377  -12.412 -4.785  1.00 15.31 ? 35   TRP A CZ2 1 
ATOM   303 C  CZ3 . TRP A 1 36 ? 10.396  -11.387 -2.570  1.00 16.17 ? 35   TRP A CZ3 1 
ATOM   304 C  CH2 . TRP A 1 36 ? 11.062  -11.899 -3.711  1.00 14.74 ? 35   TRP A CH2 1 
ATOM   305 N  N   . GLY A 1 37 ? 6.842   -12.508 -0.109  1.00 12.50 ? 36   GLY A N   1 
ATOM   306 C  CA  . GLY A 1 37 ? 7.972   -12.871 0.734   1.00 12.50 ? 36   GLY A CA  1 
ATOM   307 C  C   . GLY A 1 37 ? 7.720   -14.168 1.498   1.00 11.58 ? 36   GLY A C   1 
ATOM   308 O  O   . GLY A 1 37 ? 8.613   -15.007 1.571   1.00 11.70 ? 36   GLY A O   1 
ATOM   309 N  N   . ILE A 1 38 ? 6.527   -14.358 2.068   1.00 11.85 ? 37   ILE A N   1 
ATOM   310 C  CA  . ILE A 1 38 ? 6.208   -15.576 2.760   1.00 11.18 ? 37   ILE A CA  1 
ATOM   311 C  C   . ILE A 1 38 ? 6.288   -16.744 1.745   1.00 11.99 ? 37   ILE A C   1 
ATOM   312 O  O   . ILE A 1 38 ? 6.824   -17.802 2.081   1.00 12.24 ? 37   ILE A O   1 
ATOM   313 C  CB  . ILE A 1 38 ? 4.824   -15.445 3.375   1.00 11.22 ? 37   ILE A CB  1 
ATOM   314 C  CG1 . ILE A 1 38 ? 4.871   -14.443 4.530   1.00 12.70 ? 37   ILE A CG1 1 
ATOM   315 C  CG2 . ILE A 1 38 ? 4.368   -16.829 3.845   1.00 13.25 ? 37   ILE A CG2 1 
ATOM   316 C  CD1 . ILE A 1 38 ? 3.466   -13.903 4.944   1.00 13.00 ? 37   ILE A CD1 1 
ATOM   317 N  N   . LYS A 1 39 ? 5.763   -16.531 0.526   1.00 11.84 ? 38   LYS A N   1 
ATOM   318 C  CA  . LYS A 1 39 ? 5.826   -17.570 -0.492  1.00 13.62 ? 38   LYS A CA  1 
ATOM   319 C  C   . LYS A 1 39 ? 7.270   -17.988 -0.784  1.00 12.64 ? 38   LYS A C   1 
ATOM   320 O  O   . LYS A 1 39 ? 7.571   -19.210 -0.891  1.00 12.58 ? 38   LYS A O   1 
ATOM   321 C  CB  . LYS A 1 39 ? 5.115   -17.069 -1.759  1.00 15.00 ? 38   LYS A CB  1 
ATOM   322 C  CG  . LYS A 1 39 ? 4.861   -18.127 -2.794  1.00 17.76 ? 38   LYS A CG  1 
ATOM   323 C  CD  . LYS A 1 39 ? 4.020   -17.495 -3.932  1.00 20.78 ? 38   LYS A CD  1 
ATOM   324 C  CE  . LYS A 1 39 ? 3.510   -18.578 -4.908  1.00 25.34 ? 38   LYS A CE  1 
ATOM   325 N  NZ  . LYS A 1 39 ? 4.632   -19.141 -5.666  1.00 29.03 ? 38   LYS A NZ  1 
ATOM   326 N  N   . GLN A 1 40 ? 8.182   -17.010 -0.874  1.00 11.99 ? 39   GLN A N   1 
ATOM   327 C  CA  . GLN A 1 40 ? 9.568   -17.361 -1.142  1.00 11.84 ? 39   GLN A CA  1 
ATOM   328 C  C   . GLN A 1 40 ? 10.193  -18.126 0.016   1.00 12.24 ? 39   GLN A C   1 
ATOM   329 O  O   . GLN A 1 40 ? 10.933  -19.096 -0.184  1.00 12.42 ? 39   GLN A O   1 
ATOM   330 C  CB  . GLN A 1 40 ? 10.461  -16.129 -1.378  1.00 12.90 ? 39   GLN A CB  1 
ATOM   331 C  CG  . GLN A 1 40 ? 9.962   -15.130 -2.421  1.00 14.71 ? 39   GLN A CG  1 
ATOM   332 C  CD  . GLN A 1 40 ? 9.413   -15.771 -3.636  1.00 17.73 ? 39   GLN A CD  1 
ATOM   333 O  OE1 . GLN A 1 40 ? 10.164  -16.411 -4.377  1.00 22.45 ? 39   GLN A OE1 1 
ATOM   334 N  NE2 . GLN A 1 40 ? 8.098   -15.605 -3.887  1.00 20.02 ? 39   GLN A NE2 1 
ATOM   335 N  N   . LEU A 1 41 ? 9.899   -17.713 1.256   1.00 10.89 ? 40   LEU A N   1 
ATOM   336 C  CA  . LEU A 1 41 ? 10.491  -18.411 2.413   1.00 11.44 ? 40   LEU A CA  1 
ATOM   337 C  C   . LEU A 1 41 ? 9.939   -19.818 2.563   1.00 10.71 ? 40   LEU A C   1 
ATOM   338 O  O   . LEU A 1 41 ? 10.689  -20.740 2.862   1.00 11.30 ? 40   LEU A O   1 
ATOM   339 C  CB  . LEU A 1 41 ? 10.227  -17.617 3.710   1.00 12.26 ? 40   LEU A CB  1 
ATOM   340 C  CG  . LEU A 1 41 ? 10.875  -16.222 3.643   1.00 12.85 ? 40   LEU A CG  1 
ATOM   341 C  CD1 . LEU A 1 41 ? 10.588  -15.565 4.986   1.00 16.06 ? 40   LEU A CD1 1 
ATOM   342 C  CD2 . LEU A 1 41 ? 12.385  -16.218 3.328   1.00 17.91 ? 40   LEU A CD2 1 
ATOM   343 N  N   . GLN A 1 42 ? 8.640   -19.986 2.328   1.00 11.62 ? 41   GLN A N   1 
ATOM   344 C  CA  . GLN A 1 42 ? 8.103   -21.347 2.430   1.00 11.12 ? 41   GLN A CA  1 
ATOM   345 C  C   . GLN A 1 42 ? 8.734   -22.259 1.359   1.00 10.98 ? 41   GLN A C   1 
ATOM   346 O  O   . GLN A 1 42 ? 9.072   -23.391 1.677   1.00 12.39 ? 41   GLN A O   1 
ATOM   347 C  CB  . GLN A 1 42 ? 6.582   -21.340 2.287   1.00 11.92 ? 41   GLN A CB  1 
ATOM   348 C  CG  . GLN A 1 42 ? 6.010   -22.709 2.255   1.00 11.53 ? 41   GLN A CG  1 
ATOM   349 C  CD  . GLN A 1 42 ? 4.561   -22.740 1.854   1.00 12.64 ? 41   GLN A CD  1 
ATOM   350 O  OE1 . GLN A 1 42 ? 4.140   -22.021 0.965   1.00 13.16 ? 41   GLN A OE1 1 
ATOM   351 N  NE2 . GLN A 1 42 ? 3.791   -23.594 2.523   1.00 13.67 ? 41   GLN A NE2 1 
ATOM   352 N  N   . ALA A 1 43 ? 8.932   -21.728 0.151   1.00 12.53 ? 42   ALA A N   1 
ATOM   353 C  CA  . ALA A 1 43 ? 9.521   -22.573 -0.903  1.00 12.08 ? 42   ALA A CA  1 
ATOM   354 C  C   . ALA A 1 43 ? 10.935  -22.967 -0.493  1.00 14.57 ? 42   ALA A C   1 
ATOM   355 O  O   . ALA A 1 43 ? 11.353  -24.089 -0.737  1.00 15.73 ? 42   ALA A O   1 
ATOM   356 C  CB  . ALA A 1 43 ? 9.497   -21.858 -2.234  1.00 13.83 ? 42   ALA A CB  1 
ATOM   357 N  N   . ARG A 1 44 ? 11.695  -22.074 0.136   1.00 13.64 ? 43   ARG A N   1 
ATOM   358 C  CA  . ARG A 1 44 ? 13.025  -22.392 0.577   1.00 16.22 ? 43   ARG A CA  1 
ATOM   359 C  C   . ARG A 1 44 ? 13.006  -23.503 1.648   1.00 15.07 ? 43   ARG A C   1 
ATOM   360 O  O   . ARG A 1 44 ? 13.806  -24.463 1.596   1.00 17.46 ? 43   ARG A O   1 
ATOM   361 C  CB  . ARG A 1 44 ? 13.614  -21.105 1.167   1.00 18.06 ? 43   ARG A CB  1 
ATOM   362 C  CG  . ARG A 1 44 ? 14.939  -21.228 1.706   1.00 22.64 ? 43   ARG A CG  1 
ATOM   363 C  CD  . ARG A 1 44 ? 15.936  -21.479 0.599   1.00 25.20 ? 43   ARG A CD  1 
ATOM   364 N  NE  . ARG A 1 44 ? 17.150  -21.488 1.315   1.00 27.65 ? 43   ARG A NE  1 
ATOM   365 C  CZ  . ARG A 1 44 ? 18.199  -20.766 1.023   1.00 20.75 ? 43   ARG A CZ  1 
ATOM   366 N  NH1 . ARG A 1 44 ? 18.231  -19.944 -0.046  1.00 24.75 ? 43   ARG A NH1 1 
ATOM   367 N  NH2 . ARG A 1 44 ? 19.141  -20.822 1.903   1.00 23.93 ? 43   ARG A NH2 1 
ATOM   368 N  N   . ILE A 1 45 ? 12.084  -23.393 2.600   1.00 14.44 ? 44   ILE A N   1 
ATOM   369 C  CA  . ILE A 1 45 ? 11.964  -24.347 3.701   1.00 14.63 ? 44   ILE A CA  1 
ATOM   370 C  C   . ILE A 1 45 ? 11.527  -25.716 3.192   1.00 16.35 ? 44   ILE A C   1 
ATOM   371 O  O   . ILE A 1 45 ? 12.023  -26.720 3.700   1.00 19.28 ? 44   ILE A O   1 
ATOM   372 C  CB  . ILE A 1 45 ? 10.991  -23.827 4.803   1.00 15.70 ? 44   ILE A CB  1 
ATOM   373 C  CG1 . ILE A 1 45 ? 11.656  -22.642 5.521   1.00 16.08 ? 44   ILE A CG1 1 
ATOM   374 C  CG2 . ILE A 1 45 ? 10.684  -24.932 5.806   1.00 16.89 ? 44   ILE A CG2 1 
ATOM   375 C  CD1 . ILE A 1 45 ? 10.674  -21.832 6.295   1.00 19.48 ? 44   ILE A CD1 1 
ATOM   376 N  N   . LEU A 1 46 ? 10.661  -25.779 2.184   1.00 15.72 ? 45   LEU A N   1 
ATOM   377 C  CA  . LEU A 1 46 ? 10.229  -27.111 1.704   1.00 15.80 ? 45   LEU A CA  1 
ATOM   378 C  C   . LEU A 1 46 ? 11.172  -27.683 0.669   1.00 18.22 ? 45   LEU A C   1 
ATOM   379 O  O   . LEU A 1 46 ? 11.061  -28.913 0.441   1.00 19.14 ? 45   LEU A O   1 
ATOM   380 C  CB  . LEU A 1 46 ? 8.824   -27.015 1.129   1.00 15.66 ? 45   LEU A CB  1 
ATOM   381 C  CG  . LEU A 1 46 ? 7.709   -26.697 2.109   1.00 15.35 ? 45   LEU A CG  1 
ATOM   382 C  CD1 . LEU A 1 46 ? 6.424   -26.545 1.331   1.00 17.27 ? 45   LEU A CD1 1 
ATOM   383 C  CD2 . LEU A 1 46 ? 7.585   -27.851 3.128   1.00 18.49 ? 45   LEU A CD2 1 
ATOM   384 O  OXT . LEU A 1 46 ? 12.032  -26.945 0.090   1.00 20.39 ? 45   LEU A OXT 1 
HETATM 385 C  C   . ACE B 2 1  ? 6.704   -10.648 -8.943  1.00 40.52 ? 0    ACE D C   1 
HETATM 386 O  O   . ACE B 2 1  ? 5.740   -10.422 -8.175  1.00 41.12 ? 0    ACE D O   1 
HETATM 387 C  CH3 . ACE B 2 1  ? 6.457   -11.246 -10.293 1.00 41.14 ? 0    ACE D CH3 1 
ATOM   388 N  N   . GLY B 2 2  ? 7.971   -10.375 -8.617  1.00 39.74 ? 1    GLY D N   1 
ATOM   389 C  CA  . GLY B 2 2  ? 8.239   -9.798  -7.312  1.00 37.31 ? 1    GLY D CA  1 
ATOM   390 C  C   . GLY B 2 2  ? 9.617   -9.382  -6.818  1.00 35.38 ? 1    GLY D C   1 
ATOM   391 O  O   . GLY B 2 2  ? 10.654  -9.488  -7.491  1.00 35.49 ? 1    GLY D O   1 
HETATM 392 N  N   . DAL B 2 3  ? 9.583   -8.879  -5.591  1.00 33.19 ? 2    DAL D N   1 
HETATM 393 C  CA  . DAL B 2 3  ? 10.754  -8.412  -4.860  1.00 31.99 ? 2    DAL D CA  1 
HETATM 394 C  CB  . DAL B 2 3  ? 10.321  -7.960  -3.459  1.00 31.34 ? 2    DAL D CB  1 
HETATM 395 C  C   . DAL B 2 3  ? 11.446  -7.259  -5.584  1.00 31.71 ? 2    DAL D C   1 
HETATM 396 O  O   . DAL B 2 3  ? 12.678  -7.161  -5.625  1.00 31.67 ? 2    DAL D O   1 
HETATM 397 N  N   . DCY B 2 4  ? 10.649  -6.374  -6.161  1.00 30.76 ? 3    DCY D N   1 
HETATM 398 C  CA  . DCY B 2 4  ? 11.221  -5.230  -6.837  1.00 31.11 ? 3    DCY D CA  1 
HETATM 399 C  C   . DCY B 2 4  ? 11.713  -5.545  -8.246  1.00 31.69 ? 3    DCY D C   1 
HETATM 400 O  O   . DCY B 2 4  ? 12.828  -5.200  -8.607  1.00 31.85 ? 3    DCY D O   1 
HETATM 401 C  CB  . DCY B 2 4  ? 10.194  -4.107  -6.894  1.00 30.00 ? 3    DCY D CB  1 
HETATM 402 S  SG  . DCY B 2 4  ? 9.777   -3.236  -5.353  1.00 30.98 ? 3    DCY D SG  1 
HETATM 403 N  N   . DGL B 2 5  ? 10.882  -6.223  -9.020  1.00 31.68 ? 4    DGL D N   1 
HETATM 404 C  CA  . DGL B 2 5  ? 11.200  -6.565  -10.401 1.00 32.07 ? 4    DGL D CA  1 
HETATM 405 C  C   . DGL B 2 5  ? 12.505  -7.334  -10.551 1.00 31.86 ? 4    DGL D C   1 
HETATM 406 O  O   . DGL B 2 5  ? 13.350  -6.997  -11.384 1.00 32.10 ? 4    DGL D O   1 
HETATM 407 C  CB  . DGL B 2 5  ? 10.043  -7.376  -11.004 1.00 33.43 ? 4    DGL D CB  1 
HETATM 408 C  CG  . DGL B 2 5  ? 8.729   -6.597  -11.193 1.00 35.53 ? 4    DGL D CG  1 
HETATM 409 C  CD  . DGL B 2 5  ? 7.880   -6.452  -9.927  1.00 36.29 ? 4    DGL D CD  1 
HETATM 410 O  OE1 . DGL B 2 5  ? 8.301   -6.882  -8.839  1.00 37.11 ? 4    DGL D OE1 1 
HETATM 411 O  OE2 . DGL B 2 5  ? 6.763   -5.899  -10.022 1.00 37.45 ? 4    DGL D OE2 1 
HETATM 412 N  N   . DAL B 2 6  ? 12.678  -8.358  -9.728  1.00 30.98 ? 5    DAL D N   1 
HETATM 413 C  CA  . DAL B 2 6  ? 13.873  -9.185  -9.791  1.00 30.61 ? 5    DAL D CA  1 
HETATM 414 C  CB  . DAL B 2 6  ? 13.657  -10.407 -8.942  1.00 30.83 ? 5    DAL D CB  1 
HETATM 415 C  C   . DAL B 2 6  ? 15.160  -8.460  -9.376  1.00 30.19 ? 5    DAL D C   1 
HETATM 416 O  O   . DAL B 2 6  ? 16.269  -8.854  -9.762  1.00 30.60 ? 5    DAL D O   1 
HETATM 417 N  N   . DAR B 2 7  ? 15.020  -7.410  -8.577  1.00 29.09 ? 6    DAR D N   1 
HETATM 418 C  CA  . DAR B 2 7  ? 16.171  -6.639  -8.120  1.00 28.71 ? 6    DAR D CA  1 
HETATM 419 C  CB  . DAR B 2 7  ? 16.849  -5.948  -9.308  1.00 31.46 ? 6    DAR D CB  1 
HETATM 420 C  CG  . DAR B 2 7  ? 15.987  -4.896  -9.940  1.00 34.88 ? 6    DAR D CG  1 
HETATM 421 C  CD  . DAR B 2 7  ? 15.882  -3.655  -9.061  1.00 37.42 ? 6    DAR D CD  1 
HETATM 422 N  NE  . DAR B 2 7  ? 14.949  -3.787  -7.938  1.00 40.28 ? 6    DAR D NE  1 
HETATM 423 C  CZ  . DAR B 2 7  ? 14.128  -2.814  -7.551  1.00 40.89 ? 6    DAR D CZ  1 
HETATM 424 N  NH1 . DAR B 2 7  ? 14.125  -1.651  -8.201  1.00 42.76 ? 6    DAR D NH1 1 
HETATM 425 N  NH2 . DAR B 2 7  ? 13.318  -2.987  -6.518  1.00 42.55 ? 6    DAR D NH2 1 
HETATM 426 C  C   . DAR B 2 7  ? 17.216  -7.421  -7.341  1.00 27.29 ? 6    DAR D C   1 
HETATM 427 O  O   . DAR B 2 7  ? 18.405  -7.103  -7.380  1.00 27.43 ? 6    DAR D O   1 
HETATM 428 N  N   . DHI B 2 8  ? 16.795  -8.456  -6.632  1.00 24.49 ? 7    DHI D N   1 
HETATM 429 C  CA  . DHI B 2 8  ? 17.766  -9.222  -5.830  1.00 22.04 ? 7    DHI D CA  1 
HETATM 430 C  C   . DHI B 2 8  ? 18.001  -8.452  -4.559  1.00 21.84 ? 7    DHI D C   1 
HETATM 431 O  O   . DHI B 2 8  ? 17.070  -8.164  -3.822  1.00 20.32 ? 7    DHI D O   1 
HETATM 432 C  CB  . DHI B 2 8  ? 17.239  -10.614 -5.557  1.00 22.68 ? 7    DHI D CB  1 
HETATM 433 C  CG  . DHI B 2 8  ? 17.272  -11.501 -6.762  1.00 22.88 ? 7    DHI D CG  1 
HETATM 434 N  ND1 . DHI B 2 8  ? 16.550  -12.666 -6.864  1.00 25.78 ? 7    DHI D ND1 1 
HETATM 435 C  CD2 . DHI B 2 8  ? 17.925  -11.348 -7.943  1.00 24.08 ? 7    DHI D CD2 1 
HETATM 436 C  CE1 . DHI B 2 8  ? 16.744  -13.193 -8.069  1.00 26.45 ? 7    DHI D CE1 1 
HETATM 437 N  NE2 . DHI B 2 8  ? 17.569  -12.409 -8.736  1.00 25.11 ? 7    DHI D NE2 1 
HETATM 438 N  N   . DAR B 2 9  ? 19.265  -8.148  -4.284  1.00 20.33 ? 8    DAR D N   1 
HETATM 439 C  CA  . DAR B 2 9  ? 19.654  -7.345  -3.164  1.00 19.80 ? 8    DAR D CA  1 
HETATM 440 C  CB  . DAR B 2 9  ? 21.179  -7.236  -3.115  1.00 20.87 ? 8    DAR D CB  1 
HETATM 441 C  CG  . DAR B 2 9  ? 21.729  -6.413  -4.200  1.00 26.97 ? 8    DAR D CG  1 
HETATM 442 C  CD  . DAR B 2 9  ? 23.234  -6.603  -4.233  1.00 29.07 ? 8    DAR D CD  1 
HETATM 443 N  NE  . DAR B 2 9  ? 23.732  -5.817  -5.330  1.00 31.54 ? 8    DAR D NE  1 
HETATM 444 C  CZ  . DAR B 2 9  ? 23.700  -4.495  -5.316  1.00 31.94 ? 8    DAR D CZ  1 
HETATM 445 N  NH1 . DAR B 2 9  ? 23.230  -3.869  -4.248  1.00 33.88 ? 8    DAR D NH1 1 
HETATM 446 N  NH2 . DAR B 2 9  ? 24.049  -3.824  -6.389  1.00 33.88 ? 8    DAR D NH2 1 
HETATM 447 C  C   . DAR B 2 9  ? 19.153  -7.816  -1.835  1.00 17.95 ? 8    DAR D C   1 
HETATM 448 O  O   . DAR B 2 9  ? 18.839  -6.990  -1.021  1.00 17.42 ? 8    DAR D O   1 
HETATM 449 N  N   . DGL B 2 10 ? 19.080  -9.130  -1.651  1.00 16.93 ? 9    DGL D N   1 
HETATM 450 C  CA  . DGL B 2 10 ? 18.661  -9.627  -0.352  1.00 15.49 ? 9    DGL D CA  1 
HETATM 451 C  C   . DGL B 2 10 ? 17.211  -9.314  -0.070  1.00 15.97 ? 9    DGL D C   1 
HETATM 452 O  O   . DGL B 2 10 ? 16.779  -9.480  1.068   1.00 15.24 ? 9    DGL D O   1 
HETATM 453 C  CB  . DGL B 2 10 ? 18.967  -11.139 -0.217  1.00 16.03 ? 9    DGL D CB  1 
HETATM 454 C  CG  . DGL B 2 10 ? 18.161  -12.088 -1.079  1.00 16.75 ? 9    DGL D CG  1 
HETATM 455 C  CD  . DGL B 2 10 ? 18.730  -12.334 -2.479  1.00 16.82 ? 9    DGL D CD  1 
HETATM 456 O  OE1 . DGL B 2 10 ? 19.433  -11.435 -2.995  1.00 19.63 ? 9    DGL D OE1 1 
HETATM 457 O  OE2 . DGL B 2 10 ? 18.426  -13.407 -2.991  1.00 20.12 ? 9    DGL D OE2 1 
HETATM 458 N  N   . DTR B 2 11 ? 16.460  -8.886  -1.079  1.00 15.66 ? 10   DTR D N   1 
HETATM 459 C  CA  . DTR B 2 11 ? 15.058  -8.494  -0.865  1.00 15.31 ? 10   DTR D CA  1 
HETATM 460 C  CB  . DTR B 2 11 ? 14.099  -9.245  -1.797  1.00 16.05 ? 10   DTR D CB  1 
HETATM 461 C  CG  . DTR B 2 11 ? 13.956  -10.725 -1.490  1.00 15.28 ? 10   DTR D CG  1 
HETATM 462 C  CD1 . DTR B 2 11 ? 14.440  -11.782 -2.218  1.00 16.40 ? 10   DTR D CD1 1 
HETATM 463 N  NE1 . DTR B 2 11 ? 14.042  -12.969 -1.649  1.00 17.22 ? 10   DTR D NE1 1 
HETATM 464 C  CE2 . DTR B 2 11 ? 13.284  -12.676 -0.533  1.00 15.74 ? 10   DTR D CE2 1 
HETATM 465 C  CZ2 . DTR B 2 11 ? 12.640  -13.533 0.368   1.00 15.81 ? 10   DTR D CZ2 1 
HETATM 466 C  CH2 . DTR B 2 11 ? 11.948  -12.953 1.403   1.00 15.26 ? 10   DTR D CH2 1 
HETATM 467 C  CZ3 . DTR B 2 11 ? 11.866  -11.564 1.561   1.00 14.93 ? 10   DTR D CZ3 1 
HETATM 468 C  CE3 . DTR B 2 11 ? 12.495  -10.721 0.650   1.00 15.47 ? 10   DTR D CE3 1 
HETATM 469 C  CD2 . DTR B 2 11 ? 13.217  -11.284 -0.418  1.00 15.28 ? 10   DTR D CD2 1 
HETATM 470 C  C   . DTR B 2 11 ? 14.848  -7.000  -1.053  1.00 17.32 ? 10   DTR D C   1 
HETATM 471 O  O   . DTR B 2 11 ? 13.715  -6.505  -0.977  1.00 16.59 ? 10   DTR D O   1 
HETATM 472 N  N   . DAL B 2 12 ? 15.934  -6.252  -1.244  1.00 17.72 ? 11   DAL D N   1 
HETATM 473 C  CA  . DAL B 2 12 ? 15.764  -4.820  -1.453  1.00 18.88 ? 11   DAL D CA  1 
HETATM 474 C  CB  . DAL B 2 12 ? 17.127  -4.178  -1.693  1.00 20.11 ? 11   DAL D CB  1 
HETATM 475 C  C   . DAL B 2 12 ? 15.053  -4.120  -0.296  1.00 18.95 ? 11   DAL D C   1 
HETATM 476 O  O   . DAL B 2 12 ? 14.263  -3.188  -0.525  1.00 21.13 ? 11   DAL D O   1 
HETATM 477 N  N   . DTR B 2 13 ? 15.280  -4.582  0.936   1.00 17.86 ? 12   DTR D N   1 
HETATM 478 C  CA  . DTR B 2 13 ? 14.665  -3.981  2.106   1.00 17.72 ? 12   DTR D CA  1 
HETATM 479 C  CB  . DTR B 2 13 ? 15.164  -4.646  3.405   1.00 18.43 ? 12   DTR D CB  1 
HETATM 480 C  CG  . DTR B 2 13 ? 14.806  -6.119  3.491   1.00 16.68 ? 12   DTR D CG  1 
HETATM 481 C  CD1 . DTR B 2 13 ? 15.523  -7.146  3.012   1.00 15.60 ? 12   DTR D CD1 1 
HETATM 482 N  NE1 . DTR B 2 13 ? 14.854  -8.337  3.212   1.00 15.74 ? 12   DTR D NE1 1 
HETATM 483 C  CE2 . DTR B 2 13 ? 13.673  -8.065  3.845   1.00 15.68 ? 12   DTR D CE2 1 
HETATM 484 C  CZ2 . DTR B 2 13 ? 12.656  -8.937  4.256   1.00 15.78 ? 12   DTR D CZ2 1 
HETATM 485 C  CH2 . DTR B 2 13 ? 11.565  -8.368  4.884   1.00 16.81 ? 12   DTR D CH2 1 
HETATM 486 C  CZ3 . DTR B 2 13 ? 11.472  -7.012  5.102   1.00 17.42 ? 12   DTR D CZ3 1 
HETATM 487 C  CE3 . DTR B 2 13 ? 12.487  -6.134  4.684   1.00 17.14 ? 12   DTR D CE3 1 
HETATM 488 C  CD2 . DTR B 2 13 ? 13.605  -6.679  4.042   1.00 16.49 ? 12   DTR D CD2 1 
HETATM 489 C  C   . DTR B 2 13 ? 13.130  -4.114  2.003   1.00 18.81 ? 12   DTR D C   1 
HETATM 490 O  O   . DTR B 2 13 ? 12.396  -3.223  2.433   1.00 20.05 ? 12   DTR D O   1 
HETATM 491 N  N   . DLE B 2 14 ? 12.651  -5.244  1.491   1.00 17.43 ? 13   DLE D N   1 
HETATM 492 C  CA  . DLE B 2 14 ? 11.202  -5.440  1.407   1.00 17.59 ? 13   DLE D CA  1 
HETATM 493 C  CB  . DLE B 2 14 ? 10.864  -6.932  1.258   1.00 15.97 ? 13   DLE D CB  1 
HETATM 494 C  CG  . DLE B 2 14 ? 9.381   -7.287  1.032   1.00 15.31 ? 13   DLE D CG  1 
HETATM 495 C  CD1 . DLE B 2 14 ? 8.558   -6.882  2.233   1.00 16.99 ? 13   DLE D CD1 1 
HETATM 496 C  CD2 . DLE B 2 14 ? 9.257   -8.770  0.825   1.00 16.07 ? 13   DLE D CD2 1 
HETATM 497 C  C   . DLE B 2 14 ? 10.640  -4.601  0.268   1.00 19.32 ? 13   DLE D C   1 
HETATM 498 O  O   . DLE B 2 14 ? 9.597   -3.992  0.438   1.00 20.12 ? 13   DLE D O   1 
HETATM 499 N  N   . DCY B 2 15 ? 11.326  -4.554  -0.876  1.00 20.93 ? 14   DCY D N   1 
HETATM 500 C  CA  . DCY B 2 15 ? 10.852  -3.730  -1.970  1.00 22.79 ? 14   DCY D CA  1 
HETATM 501 C  C   . DCY B 2 15 ? 10.767  -2.269  -1.462  1.00 22.54 ? 14   DCY D C   1 
HETATM 502 O  O   . DCY B 2 15 ? 9.787   -1.564  -1.770  1.00 23.67 ? 14   DCY D O   1 
HETATM 503 C  CB  . DCY B 2 15 ? 11.798  -3.893  -3.163  1.00 23.47 ? 14   DCY D CB  1 
HETATM 504 S  SG  . DCY B 2 15 ? 11.557  -2.680  -4.508  1.00 27.91 ? 14   DCY D SG  1 
HETATM 505 N  N   . DAL B 2 16 ? 11.752  -1.813  -0.695  1.00 22.47 ? 15   DAL D N   1 
HETATM 506 C  CA  . DAL B 2 16 ? 11.791  -0.443  -0.157  1.00 23.31 ? 15   DAL D CA  1 
HETATM 507 C  CB  . DAL B 2 16 ? 13.151  -0.164  0.497   1.00 24.09 ? 15   DAL D CB  1 
HETATM 508 C  C   . DAL B 2 16 ? 10.672  -0.162  0.848   1.00 24.16 ? 15   DAL D C   1 
HETATM 509 O  O   . DAL B 2 16 ? 10.248  0.982   1.025   1.00 25.93 ? 15   DAL D O   1 
HETATM 510 N  N   . DAL B 2 17 ? 10.197  -1.205  1.526   1.00 22.60 ? 16   DAL D N   1 
HETATM 511 C  CA  . DAL B 2 17 ? 9.113   -1.040  2.500   1.00 22.10 ? 16   DAL D CA  1 
HETATM 512 C  CB  . DAL B 2 17 ? 9.042   -2.281  3.413   1.00 22.02 ? 16   DAL D CB  1 
HETATM 513 C  C   . DAL B 2 17 ? 7.765   -0.847  1.804   1.00 21.95 ? 16   DAL D C   1 
HETATM 514 O  O   . DAL B 2 17 ? 6.867   -0.222  2.424   1.00 22.36 ? 16   DAL D O   1 
HETATM 515 O  OXT . DAL B 2 17 ? 7.593   -1.316  0.656   1.00 23.47 ? 16   DAL D OXT 1 
HETATM 516 CL CL  . CL  C 3 .  ? -14.537 7.734   4.170   0.33 45.04 ? 1001 CL  A CL  1 
HETATM 517 O  O   . HOH D 4 .  ? -26.275 28.872  0.690   1.00 53.50 ? 1002 HOH A O   1 
HETATM 518 O  O   . HOH D 4 .  ? -19.255 32.621  3.125   1.00 52.17 ? 1003 HOH A O   1 
HETATM 519 O  O   . HOH D 4 .  ? -24.780 25.835  10.823  1.00 37.33 ? 1004 HOH A O   1 
HETATM 520 O  O   . HOH D 4 .  ? -24.627 24.172  8.223   1.00 46.63 ? 1005 HOH A O   1 
HETATM 521 O  O   . HOH D 4 .  ? -17.977 24.681  -2.258  1.00 48.41 ? 1006 HOH A O   1 
HETATM 522 O  O   . HOH D 4 .  ? -19.480 27.184  -2.267  1.00 58.65 ? 1007 HOH A O   1 
HETATM 523 O  O   . HOH D 4 .  ? -17.900 16.389  -5.857  1.00 36.12 ? 1008 HOH A O   1 
HETATM 524 O  O   . HOH D 4 .  ? -19.360 16.051  -7.866  1.00 55.01 ? 1009 HOH A O   1 
HETATM 525 O  O   . HOH D 4 .  ? -14.349 25.337  9.252   1.00 53.14 ? 1010 HOH A O   1 
HETATM 526 O  O   . HOH D 4 .  ? -17.186 23.494  -6.193  1.00 28.89 ? 1011 HOH A O   1 
HETATM 527 O  O   . HOH D 4 .  ? -14.349 24.172  -0.025  1.00 43.04 ? 1012 HOH A O   1 
HETATM 528 O  O   . HOH D 4 .  ? -14.442 26.896  0.089   1.00 55.95 ? 1013 HOH A O   1 
HETATM 529 O  O   . HOH D 4 .  ? -11.811 27.743  2.722   1.00 52.47 ? 1014 HOH A O   1 
HETATM 530 O  O   . HOH D 4 .  ? -14.431 20.390  7.489   1.00 56.49 ? 1015 HOH A O   1 
HETATM 531 O  O   . HOH D 4 .  ? -12.140 17.584  -2.122  1.00 32.19 ? 1016 HOH A O   1 
HETATM 532 O  O   . HOH D 4 .  ? -10.437 19.576  -2.847  1.00 39.56 ? 1017 HOH A O   1 
HETATM 533 O  O   . HOH D 4 .  ? -14.041 17.306  -4.223  1.00 33.28 ? 1018 HOH A O   1 
HETATM 534 O  O   . HOH D 4 .  ? -11.161 24.403  -3.824  1.00 28.37 ? 1019 HOH A O   1 
HETATM 535 O  O   . HOH D 4 .  ? -8.321  15.556  -3.061  0.33 30.95 ? 1020 HOH A O   1 
HETATM 536 O  O   . HOH D 4 .  ? -7.952  18.464  -2.861  1.00 29.32 ? 1021 HOH A O   1 
HETATM 537 O  O   . HOH D 4 .  ? -9.320  23.748  0.824   1.00 46.18 ? 1022 HOH A O   1 
HETATM 538 O  O   . HOH D 4 .  ? -11.204 20.973  1.588   1.00 43.67 ? 1023 HOH A O   1 
HETATM 539 O  O   . HOH D 4 .  ? -9.443  20.867  -0.307  1.00 45.47 ? 1024 HOH A O   1 
HETATM 540 O  O   . HOH D 4 .  ? -6.806  15.880  6.039   1.00 52.80 ? 1025 HOH A O   1 
HETATM 541 O  O   . HOH D 4 .  ? -8.243  15.873  3.872   1.00 42.94 ? 1026 HOH A O   1 
HETATM 542 O  O   . HOH D 4 .  ? -7.305  17.348  8.086   1.00 53.15 ? 1027 HOH A O   1 
HETATM 543 O  O   . HOH D 4 .  ? -12.885 11.792  -2.889  1.00 34.71 ? 1028 HOH A O   1 
HETATM 544 O  O   . HOH D 4 .  ? -11.907 13.751  -4.531  1.00 42.23 ? 1029 HOH A O   1 
HETATM 545 O  O   . HOH D 4 .  ? -11.426 1.584   -5.969  1.00 59.49 ? 1030 HOH A O   1 
HETATM 546 O  O   . HOH D 4 .  ? -13.441 6.341   -5.517  1.00 52.76 ? 1031 HOH A O   1 
HETATM 547 O  O   . HOH D 4 .  ? -12.512 9.543   -3.863  1.00 47.84 ? 1032 HOH A O   1 
HETATM 548 O  O   . HOH D 4 .  ? -6.630  6.322   -4.873  1.00 46.32 ? 1033 HOH A O   1 
HETATM 549 O  O   . HOH D 4 .  ? -14.359 15.147  -5.744  1.00 51.94 ? 1034 HOH A O   1 
HETATM 550 O  O   . HOH D 4 .  ? -7.763  2.550   -2.906  1.00 30.19 ? 1035 HOH A O   1 
HETATM 551 O  O   . HOH D 4 .  ? -5.544  6.735   6.257   1.00 51.32 ? 1036 HOH A O   1 
HETATM 552 O  O   . HOH D 4 .  ? -7.341  2.746   -6.713  1.00 52.05 ? 1037 HOH A O   1 
HETATM 553 O  O   . HOH D 4 .  ? -6.923  0.276   -3.644  1.00 35.86 ? 1038 HOH A O   1 
HETATM 554 O  O   . HOH D 4 .  ? 0.572   3.541   -3.884  1.00 45.90 ? 1039 HOH A O   1 
HETATM 555 O  O   . HOH D 4 .  ? -5.257  1.175   -6.894  1.00 50.60 ? 1040 HOH A O   1 
HETATM 556 O  O   . HOH D 4 .  ? -8.687  5.961   -8.690  1.00 51.80 ? 1041 HOH A O   1 
HETATM 557 O  O   . HOH D 4 .  ? -2.551  -1.072  -4.501  1.00 30.05 ? 1042 HOH A O   1 
HETATM 558 O  O   . HOH D 4 .  ? -4.882  -0.564  -5.193  1.00 48.74 ? 1043 HOH A O   1 
HETATM 559 O  O   . HOH D 4 .  ? -1.908  -3.555  -4.955  1.00 32.62 ? 1044 HOH A O   1 
HETATM 560 O  O   . HOH D 4 .  ? 0.648   -4.896  -5.615  1.00 40.19 ? 1045 HOH A O   1 
HETATM 561 O  O   . HOH D 4 .  ? 3.183   0.620   -0.520  1.00 22.32 ? 1046 HOH A O   1 
HETATM 562 O  O   . HOH D 4 .  ? 0.137   -7.323  -6.832  1.00 50.50 ? 1047 HOH A O   1 
HETATM 563 O  O   . HOH D 4 .  ? 0.117   -2.734  -7.640  1.00 46.64 ? 1048 HOH A O   1 
HETATM 564 O  O   . HOH D 4 .  ? 3.196   -4.925  -4.314  1.00 30.08 ? 1049 HOH A O   1 
HETATM 565 O  O   . HOH D 4 .  ? -3.588  -5.908  -4.213  1.00 37.29 ? 1050 HOH A O   1 
HETATM 566 O  O   . HOH D 4 .  ? 2.290   -6.977  -8.497  1.00 58.27 ? 1051 HOH A O   1 
HETATM 567 O  O   . HOH D 4 .  ? 1.910   1.314   3.488   1.00 50.24 ? 1052 HOH A O   1 
HETATM 568 O  O   . HOH D 4 .  ? 2.707   2.352   -2.853  1.00 49.14 ? 1053 HOH A O   1 
HETATM 569 O  O   . HOH D 4 .  ? -2.862  -6.699  -1.360  1.00 33.61 ? 1054 HOH A O   1 
HETATM 570 O  O   . HOH D 4 .  ? -3.080  -7.163  -6.367  1.00 45.89 ? 1055 HOH A O   1 
HETATM 571 O  O   . HOH D 4 .  ? -5.646  -8.858  -3.736  1.00 37.52 ? 1056 HOH A O   1 
HETATM 572 O  O   . HOH D 4 .  ? -4.559  -11.175 -3.068  1.00 34.96 ? 1057 HOH A O   1 
HETATM 573 O  O   . HOH D 4 .  ? 2.222   -11.059 -4.170  1.00 28.86 ? 1058 HOH A O   1 
HETATM 574 O  O   . HOH D 4 .  ? -0.563  -12.543 -4.263  1.00 42.32 ? 1059 HOH A O   1 
HETATM 575 O  O   . HOH D 4 .  ? 2.909   -13.761 -4.178  1.00 29.65 ? 1060 HOH A O   1 
HETATM 576 O  O   . HOH D 4 .  ? 0.612   -14.852 -4.000  1.00 37.31 ? 1061 HOH A O   1 
HETATM 577 O  O   . HOH D 4 .  ? -3.111  -19.582 -6.259  1.00 38.41 ? 1062 HOH A O   1 
HETATM 578 O  O   . HOH D 4 .  ? 1.556   -9.040  5.955   0.33 18.68 ? 1063 HOH A O   1 
HETATM 579 O  O   . HOH D 4 .  ? -0.496  -14.263 -8.131  1.00 48.02 ? 1064 HOH A O   1 
HETATM 580 O  O   . HOH D 4 .  ? -2.354  -17.192 -4.698  1.00 33.30 ? 1065 HOH A O   1 
HETATM 581 O  O   . HOH D 4 .  ? 12.400  -19.515 -2.574  1.00 20.31 ? 1066 HOH A O   1 
HETATM 582 O  O   . HOH D 4 .  ? 10.511  -19.398 -4.712  1.00 32.93 ? 1067 HOH A O   1 
HETATM 583 O  O   . HOH D 4 .  ? 8.393   -14.310 -8.248  1.00 30.78 ? 1068 HOH A O   1 
HETATM 584 O  O   . HOH D 4 .  ? 4.064   -14.548 -6.710  1.00 33.10 ? 1069 HOH A O   1 
HETATM 585 O  O   . HOH D 4 .  ? 6.924   -16.699 -6.297  1.00 33.22 ? 1070 HOH A O   1 
HETATM 586 O  O   . HOH D 4 .  ? 7.837   -19.679 -5.081  1.00 48.48 ? 1071 HOH A O   1 
HETATM 587 O  O   . HOH D 4 .  ? 10.413  -22.835 -6.152  1.00 51.71 ? 1072 HOH A O   1 
HETATM 588 O  O   . HOH D 4 .  ? 10.390  -25.630 -2.952  1.00 24.98 ? 1073 HOH A O   1 
HETATM 589 O  O   . HOH D 4 .  ? -15.452 11.314  -2.226  1.00 36.93 ? 1074 HOH A O   1 
HETATM 590 O  O   . HOH D 4 .  ? 6.371   -23.956 -1.190  1.00 17.13 ? 1075 HOH A O   1 
HETATM 591 O  O   . HOH D 4 .  ? 5.594   -21.174 -1.281  1.00 15.62 ? 1076 HOH A O   1 
HETATM 592 O  O   . HOH D 4 .  ? 3.718   -24.679 -1.530  1.00 17.25 ? 1077 HOH A O   1 
HETATM 593 O  O   . HOH D 4 .  ? 7.623   -25.235 -3.202  1.00 25.18 ? 1078 HOH A O   1 
HETATM 594 O  O   . HOH D 4 .  ? 2.449   -23.996 -3.669  1.00 28.95 ? 1079 HOH A O   1 
HETATM 595 O  O   . HOH D 4 .  ? 4.180   -21.286 -3.597  1.00 28.77 ? 1080 HOH A O   1 
HETATM 596 O  O   . HOH D 4 .  ? 11.969  -23.911 -4.572  1.00 32.80 ? 1081 HOH A O   1 
HETATM 597 O  O   . HOH D 4 .  ? 9.694   -21.225 -7.997  1.00 54.85 ? 1082 HOH A O   1 
HETATM 598 O  O   . HOH D 4 .  ? 15.317  -25.060 -0.671  1.00 23.53 ? 1083 HOH A O   1 
HETATM 599 O  O   . HOH D 4 .  ? 14.213  -27.399 -2.115  1.00 34.68 ? 1084 HOH A O   1 
HETATM 600 O  O   . HOH D 4 .  ? 16.790  -18.609 -2.433  1.00 39.50 ? 1085 HOH A O   1 
HETATM 601 O  O   . HOH D 4 .  ? 13.102  -27.909 5.927   1.00 23.72 ? 1086 HOH A O   1 
HETATM 602 O  O   . HOH D 4 .  ? 8.953   -30.209 -1.078  1.00 22.11 ? 1087 HOH A O   1 
HETATM 603 O  O   . HOH D 4 .  ? 6.901   -28.657 -2.445  0.33 39.34 ? 1088 HOH A O   1 
HETATM 604 O  O   . HOH D 4 .  ? 10.565  -28.294 -3.074  1.00 40.15 ? 1089 HOH A O   1 
HETATM 605 O  O   . HOH D 4 .  ? 3.104   -24.563 -6.451  1.00 44.24 ? 1090 HOH A O   1 
HETATM 606 O  O   . HOH D 4 .  ? 0.611   -17.240 -5.151  1.00 39.50 ? 1091 HOH A O   1 
HETATM 607 O  O   . HOH D 4 .  ? -27.484 23.734  7.460   1.00 56.10 ? 1092 HOH A O   1 
HETATM 608 O  O   . HOH D 4 .  ? -15.344 31.893  5.425   1.00 57.70 ? 1093 HOH A O   1 
HETATM 609 O  O   . HOH D 4 .  ? -15.335 29.488  6.939   1.00 57.44 ? 1094 HOH A O   1 
HETATM 610 O  O   . HOH D 4 .  ? -5.689  9.183   5.712   1.00 40.38 ? 1095 HOH A O   1 
HETATM 611 O  O   . HOH D 4 .  ? -8.165  10.756  5.787   1.00 32.00 ? 1096 HOH A O   1 
HETATM 612 O  O   . HOH D 4 .  ? -7.039  13.309  6.736   1.00 46.30 ? 1097 HOH A O   1 
HETATM 613 O  O   . HOH D 4 .  ? -0.741  8.192   -3.272  1.00 39.31 ? 1098 HOH A O   1 
HETATM 614 O  O   . HOH D 4 .  ? 1.014   7.211   4.745   1.00 45.28 ? 1099 HOH A O   1 
HETATM 615 O  O   . HOH D 4 .  ? -9.302  -0.814  -4.597  1.00 52.21 ? 1100 HOH A O   1 
HETATM 616 O  O   . HOH D 4 .  ? 6.127   -21.430 -4.691  1.00 45.85 ? 1101 HOH A O   1 
HETATM 617 O  O   . HOH D 4 .  ? 13.020  -21.978 -3.442  1.00 38.55 ? 1102 HOH A O   1 
HETATM 618 O  O   . HOH D 4 .  ? 12.312  -30.127 -1.726  1.00 35.27 ? 1103 HOH A O   1 
HETATM 619 O  O   . HOH D 4 .  ? 10.462  -29.928 -4.547  1.00 44.00 ? 1104 HOH A O   1 
HETATM 620 O  O   . HOH D 4 .  ? 15.159  -24.353 9.030   1.00 43.49 ? 1105 HOH A O   1 
HETATM 621 O  O   . HOH D 4 .  ? 14.417  -26.176 7.851   1.00 41.15 ? 1106 HOH A O   1 
HETATM 622 O  O   . HOH D 4 .  ? 17.424  -25.623 7.689   0.33 36.86 ? 1107 HOH A O   1 
HETATM 623 O  O   . HOH D 4 .  ? 15.208  -23.173 -2.810  1.00 49.55 ? 1108 HOH A O   1 
HETATM 624 O  O   . HOH D 4 .  ? -10.600 12.979  -6.673  0.33 54.94 ? 1109 HOH A O   1 
HETATM 625 O  O   . HOH D 4 .  ? -2.751  5.206   -5.721  1.00 42.03 ? 1110 HOH A O   1 
HETATM 626 O  O   . HOH D 4 .  ? 1.636   4.039   3.225   1.00 35.36 ? 1111 HOH A O   1 
HETATM 627 O  O   . HOH D 4 .  ? 7.391   -23.537 -5.131  1.00 37.47 ? 1112 HOH A O   1 
HETATM 628 O  O   . HOH D 4 .  ? 14.231  -24.694 -5.172  1.00 61.10 ? 1113 HOH A O   1 
HETATM 629 O  O   . HOH D 4 .  ? 12.249  -26.677 9.011   1.00 36.93 ? 1114 HOH A O   1 
HETATM 630 O  O   . HOH D 4 .  ? 14.581  -18.302 -2.982  1.00 40.77 ? 1115 HOH A O   1 
HETATM 631 O  O   . HOH D 4 .  ? 3.075   -1.475  -7.633  1.00 47.04 ? 1116 HOH A O   1 
HETATM 632 O  O   . HOH D 4 .  ? -28.435 30.448  6.885   1.00 53.67 ? 1117 HOH A O   1 
HETATM 633 O  O   . HOH D 4 .  ? -13.040 22.415  2.428   1.00 44.54 ? 1118 HOH A O   1 
HETATM 634 O  O   . HOH E 4 .  ? 5.129   -1.318  -0.897  1.00 28.43 ? 47   HOH D O   1 
HETATM 635 O  O   . HOH E 4 .  ? 4.644   1.289   1.717   1.00 25.55 ? 52   HOH D O   1 
HETATM 636 O  O   . HOH E 4 .  ? 5.460   -1.036  -3.850  1.00 36.92 ? 56   HOH D O   1 
HETATM 637 O  O   . HOH E 4 .  ? 4.648   -9.628  -6.101  1.00 43.22 ? 65   HOH D O   1 
HETATM 638 O  O   . HOH E 4 .  ? 7.791   -6.073  -6.267  1.00 32.71 ? 67   HOH D O   1 
HETATM 639 O  O   . HOH E 4 .  ? 13.755  -12.189 -5.806  1.00 34.36 ? 71   HOH D O   1 
HETATM 640 O  O   . HOH E 4 .  ? 16.073  -14.214 -4.323  1.00 28.82 ? 72   HOH D O   1 
HETATM 641 O  O   . HOH E 4 .  ? 14.125  -9.327  -5.865  1.00 27.39 ? 73   HOH D O   1 
HETATM 642 O  O   . HOH E 4 .  ? 14.139  -15.446 -2.880  1.00 37.09 ? 74   HOH D O   1 
HETATM 643 O  O   . HOH E 4 .  ? 16.037  -15.053 0.606   1.00 19.51 ? 75   HOH D O   1 
HETATM 644 O  O   . HOH E 4 .  ? 14.429  -17.051 -0.101  1.00 44.00 ? 78   HOH D O   1 
HETATM 645 O  O   . HOH E 4 .  ? 9.292   -11.392 -11.005 1.00 52.39 ? 79   HOH D O   1 
HETATM 646 O  O   . HOH E 4 .  ? 14.017  -18.351 -6.448  1.00 51.74 ? 81   HOH D O   1 
HETATM 647 O  O   . HOH E 4 .  ? 15.734  -16.266 -6.958  1.00 48.06 ? 82   HOH D O   1 
HETATM 648 O  O   . HOH E 4 .  ? 14.231  -13.888 -9.549  1.00 46.54 ? 83   HOH D O   1 
HETATM 649 O  O   . HOH E 4 .  ? 15.088  -17.836 -9.922  1.00 61.24 ? 84   HOH D O   1 
HETATM 650 O  O   . HOH E 4 .  ? 15.012  -6.458  -4.470  1.00 26.25 ? 85   HOH D O   1 
HETATM 651 O  O   . HOH E 4 .  ? 14.663  -1.551  -2.783  1.00 36.86 ? 86   HOH D O   1 
HETATM 652 O  O   . HOH E 4 .  ? 15.246  -3.504  -5.011  1.00 38.03 ? 87   HOH D O   1 
HETATM 653 O  O   . HOH E 4 .  ? 18.262  -15.813 -1.517  1.00 28.21 ? 88   HOH D O   1 
HETATM 654 O  O   . HOH E 4 .  ? 15.575  -17.049 1.875   1.00 32.29 ? 89   HOH D O   1 
HETATM 655 O  O   . HOH E 4 .  ? 18.036  -5.707  1.384   1.00 23.69 ? 111  HOH D O   1 
HETATM 656 O  O   . HOH E 4 .  ? 18.811  -3.120  1.654   1.00 38.13 ? 112  HOH D O   1 
HETATM 657 O  O   . HOH E 4 .  ? 18.175  -4.004  6.220   1.00 34.37 ? 113  HOH D O   1 
HETATM 658 O  O   . HOH E 4 .  ? 18.988  -4.918  9.298   1.00 52.27 ? 116  HOH D O   1 
HETATM 659 O  O   . HOH E 4 .  ? 2.284   -8.823  -5.662  1.00 59.42 ? 126  HOH D O   1 
HETATM 660 O  O   . HOH E 4 .  ? 15.687  -7.806  -13.187 1.00 37.66 ? 140  HOH D O   1 
HETATM 661 O  O   . HOH E 4 .  ? 11.555  3.046   -1.217  1.00 48.05 ? 141  HOH D O   1 
HETATM 662 O  O   . HOH E 4 .  ? 8.237   -0.349  -3.415  1.00 36.75 ? 142  HOH D O   1 
HETATM 663 O  O   . HOH E 4 .  ? 6.777   -8.800  -5.081  1.00 38.11 ? 143  HOH D O   1 
HETATM 664 O  O   . HOH E 4 .  ? 16.350  0.000   -1.626  1.00 44.89 ? 147  HOH D O   1 
HETATM 665 O  O   . HOH E 4 .  ? 20.873  -2.956  0.104   1.00 43.34 ? 148  HOH D O   1 
HETATM 666 O  O   . HOH E 4 .  ? 17.628  -6.529  -13.635 1.00 47.59 ? 151  HOH D O   1 
# 
